data_8EHT
#
_entry.id   8EHT
#
_entity_poly.entity_id   1
_entity_poly.type   'polypeptide(L)'
_entity_poly.pdbx_seq_one_letter_code
;APAANDSSQATLNFSGRVTSSLCQVKTDDLVKNISLGEVSKSALEATGKSPAQSFQVNLINCDSLTDDISYVLADANNNG
TTTAYLVPKSGDTAATGVGVFVETSKGTPVNIGSDQKLDVVANKGNALSEQVIPLRAYIGTQTRAAGAIGTDVTAGTVDA
TGVLTIRAADAT
;
_entity_poly.pdbx_strand_id   C,F,D,E,W,X,B
#
# COMPACT_ATOMS: atom_id res chain seq x y z
N ALA A 1 -30.22 -8.94 -16.69
CA ALA A 1 -29.83 -8.06 -15.55
C ALA A 1 -28.56 -8.60 -14.91
N PRO A 2 -27.76 -7.73 -14.30
CA PRO A 2 -26.50 -8.19 -13.73
C PRO A 2 -26.71 -9.25 -12.66
N ALA A 3 -25.79 -10.22 -12.63
CA ALA A 3 -25.88 -11.29 -11.64
C ALA A 3 -25.54 -10.76 -10.27
N ALA A 4 -26.08 -11.41 -9.24
CA ALA A 4 -25.90 -10.96 -7.86
C ALA A 4 -24.59 -11.50 -7.28
N ASN A 5 -24.05 -10.76 -6.32
CA ASN A 5 -22.78 -11.09 -5.68
C ASN A 5 -23.00 -11.83 -4.36
N ASP A 6 -23.56 -13.04 -4.43
CA ASP A 6 -24.04 -13.75 -3.24
C ASP A 6 -23.33 -15.07 -3.00
N SER A 7 -22.17 -15.30 -3.60
CA SER A 7 -21.49 -16.57 -3.41
C SER A 7 -20.86 -16.66 -2.03
N SER A 8 -20.57 -17.88 -1.60
CA SER A 8 -19.85 -18.15 -0.36
C SER A 8 -18.48 -18.70 -0.70
N GLN A 9 -17.42 -18.03 -0.23
CA GLN A 9 -16.08 -18.21 -0.73
C GLN A 9 -15.14 -18.63 0.38
N ALA A 10 -14.21 -19.53 0.07
CA ALA A 10 -13.09 -19.85 0.93
C ALA A 10 -11.82 -19.81 0.12
N THR A 11 -10.77 -19.18 0.67
CA THR A 11 -9.55 -18.89 -0.05
C THR A 11 -8.43 -19.77 0.47
N LEU A 12 -7.76 -20.48 -0.42
CA LEU A 12 -6.74 -21.47 -0.07
C LEU A 12 -5.40 -20.99 -0.65
N ASN A 13 -4.49 -20.56 0.21
CA ASN A 13 -3.18 -20.07 -0.21
C ASN A 13 -2.15 -21.15 0.07
N PHE A 14 -1.81 -21.92 -0.95
CA PHE A 14 -0.81 -22.98 -0.83
C PHE A 14 0.58 -22.38 -0.91
N SER A 15 1.57 -23.12 -0.43
CA SER A 15 2.95 -22.69 -0.51
C SER A 15 3.88 -23.90 -0.40
N GLY A 16 5.13 -23.70 -0.79
CA GLY A 16 6.08 -24.78 -0.79
C GLY A 16 7.40 -24.32 -1.38
N ARG A 17 8.18 -25.28 -1.87
CA ARG A 17 9.43 -24.98 -2.53
C ARG A 17 9.82 -26.13 -3.44
N VAL A 18 10.77 -25.86 -4.32
CA VAL A 18 11.53 -26.88 -5.01
C VAL A 18 13.00 -26.63 -4.69
N THR A 19 13.69 -27.65 -4.19
CA THR A 19 15.05 -27.47 -3.71
C THR A 19 15.96 -28.43 -4.45
N SER A 20 17.26 -28.32 -4.17
CA SER A 20 18.27 -29.20 -4.72
C SER A 20 18.83 -30.15 -3.68
N SER A 21 18.51 -29.96 -2.41
CA SER A 21 18.96 -30.86 -1.36
C SER A 21 18.20 -32.17 -1.41
N LEU A 22 18.84 -33.22 -0.91
CA LEU A 22 18.32 -34.58 -0.99
C LEU A 22 17.33 -34.91 0.13
N CYS A 23 17.29 -34.13 1.20
CA CYS A 23 16.45 -34.40 2.35
C CYS A 23 15.44 -33.28 2.53
N GLN A 24 14.17 -33.63 2.72
CA GLN A 24 13.17 -32.66 3.12
C GLN A 24 13.43 -32.23 4.56
N VAL A 25 12.99 -31.01 4.88
CA VAL A 25 12.84 -30.64 6.28
C VAL A 25 11.40 -30.91 6.68
N LYS A 26 11.21 -31.56 7.82
CA LYS A 26 9.88 -32.02 8.20
C LYS A 26 8.92 -30.84 8.23
N THR A 27 7.76 -31.03 7.60
CA THR A 27 6.89 -29.89 7.29
C THR A 27 6.46 -29.14 8.54
N ASP A 28 6.49 -29.80 9.69
CA ASP A 28 6.19 -29.11 10.94
C ASP A 28 7.38 -28.32 11.48
N ASP A 29 8.58 -28.55 10.95
CA ASP A 29 9.77 -27.88 11.41
C ASP A 29 10.20 -26.74 10.50
N LEU A 30 9.47 -26.49 9.42
CA LEU A 30 9.82 -25.38 8.55
C LEU A 30 9.68 -24.04 9.26
N VAL A 31 8.80 -23.95 10.25
CA VAL A 31 8.70 -22.76 11.09
C VAL A 31 8.57 -23.20 12.54
N LYS A 32 9.70 -23.23 13.24
CA LYS A 32 9.69 -23.57 14.65
C LYS A 32 9.30 -22.35 15.47
N ASN A 33 8.71 -22.61 16.63
CA ASN A 33 8.47 -21.58 17.64
C ASN A 33 9.02 -22.10 18.97
N ILE A 34 10.28 -21.82 19.23
CA ILE A 34 10.93 -22.22 20.46
C ILE A 34 10.64 -21.16 21.52
N SER A 35 10.17 -21.60 22.67
CA SER A 35 9.81 -20.68 23.76
C SER A 35 10.85 -20.80 24.85
N LEU A 36 11.80 -19.86 24.87
CA LEU A 36 12.78 -19.81 25.94
C LEU A 36 12.11 -19.30 27.21
N GLY A 37 12.89 -19.24 28.28
CA GLY A 37 12.35 -19.00 29.60
C GLY A 37 12.03 -17.55 29.89
N GLU A 38 12.29 -17.16 31.14
CA GLU A 38 12.31 -15.76 31.55
C GLU A 38 13.62 -15.51 32.27
N VAL A 39 14.33 -14.46 31.88
CA VAL A 39 15.60 -14.12 32.54
C VAL A 39 15.23 -13.26 33.75
N SER A 40 14.92 -13.90 34.87
CA SER A 40 14.49 -13.16 36.04
C SER A 40 15.65 -12.38 36.64
N LYS A 41 15.34 -11.56 37.65
CA LYS A 41 16.36 -10.75 38.28
C LYS A 41 17.45 -11.61 38.93
N SER A 42 17.04 -12.70 39.58
CA SER A 42 17.99 -13.54 40.29
C SER A 42 19.06 -14.08 39.35
N ALA A 43 18.63 -14.72 38.26
CA ALA A 43 19.58 -15.28 37.32
C ALA A 43 20.35 -14.20 36.59
N LEU A 44 19.71 -13.06 36.32
CA LEU A 44 20.38 -11.98 35.61
C LEU A 44 21.53 -11.44 36.43
N GLU A 45 21.33 -11.27 37.74
CA GLU A 45 22.39 -10.76 38.60
C GLU A 45 23.36 -11.84 39.07
N ALA A 46 23.01 -13.12 38.91
CA ALA A 46 23.91 -14.19 39.32
C ALA A 46 24.89 -14.54 38.21
N THR A 47 24.38 -14.91 37.03
CA THR A 47 25.22 -15.28 35.90
C THR A 47 24.80 -14.64 34.59
N GLY A 48 23.71 -13.86 34.56
CA GLY A 48 23.28 -13.24 33.34
C GLY A 48 22.84 -14.21 32.27
N LYS A 49 22.10 -15.24 32.63
CA LYS A 49 21.64 -16.24 31.69
C LYS A 49 20.37 -16.87 32.21
N SER A 50 19.65 -17.53 31.31
CA SER A 50 18.56 -18.41 31.70
C SER A 50 18.93 -19.85 31.36
N PRO A 51 18.27 -20.82 31.98
CA PRO A 51 18.60 -22.23 31.67
C PRO A 51 18.35 -22.53 30.20
N ALA A 52 19.26 -23.31 29.63
CA ALA A 52 19.18 -23.69 28.24
C ALA A 52 17.99 -24.60 28.03
N GLN A 53 17.24 -24.36 26.95
CA GLN A 53 16.14 -25.23 26.56
C GLN A 53 16.54 -26.02 25.32
N SER A 54 16.11 -27.27 25.26
CA SER A 54 16.46 -28.12 24.13
C SER A 54 15.37 -28.10 23.07
N PHE A 55 15.78 -27.95 21.82
CA PHE A 55 14.88 -28.07 20.69
C PHE A 55 15.54 -28.94 19.65
N GLN A 56 14.82 -29.17 18.55
CA GLN A 56 15.18 -30.22 17.61
C GLN A 56 14.70 -29.86 16.22
N VAL A 57 15.39 -30.39 15.21
CA VAL A 57 15.04 -30.17 13.81
C VAL A 57 15.12 -31.51 13.11
N ASN A 58 14.03 -31.93 12.48
CA ASN A 58 13.90 -33.25 11.89
C ASN A 58 14.05 -33.15 10.38
N LEU A 59 14.86 -34.04 9.81
CA LEU A 59 14.90 -34.27 8.37
C LEU A 59 14.22 -35.58 8.06
N ILE A 60 13.45 -35.61 6.97
CA ILE A 60 12.67 -36.79 6.63
C ILE A 60 12.78 -37.07 5.13
N ASN A 61 12.60 -38.35 4.79
CA ASN A 61 12.66 -38.82 3.41
C ASN A 61 14.00 -38.51 2.77
N CYS A 62 15.08 -38.69 3.51
CA CYS A 62 16.41 -38.54 2.92
C CYS A 62 16.63 -39.57 1.84
N ASP A 63 17.55 -39.27 0.92
CA ASP A 63 17.90 -40.23 -0.11
C ASP A 63 18.79 -41.32 0.46
N SER A 64 18.73 -42.51 -0.12
CA SER A 64 19.52 -43.63 0.37
C SER A 64 21.00 -43.44 0.09
N LEU A 65 21.36 -42.55 -0.83
CA LEU A 65 22.75 -42.32 -1.17
C LEU A 65 23.34 -41.10 -0.49
N THR A 66 22.62 -40.49 0.46
CA THR A 66 23.14 -39.35 1.19
C THR A 66 24.44 -39.71 1.89
N ASP A 67 25.45 -38.83 1.80
CA ASP A 67 26.76 -39.09 2.36
C ASP A 67 27.30 -37.94 3.22
N ASP A 68 26.90 -36.70 2.93
CA ASP A 68 27.42 -35.55 3.63
C ASP A 68 26.29 -34.58 3.91
N ILE A 69 26.12 -34.22 5.18
CA ILE A 69 25.10 -33.27 5.60
C ILE A 69 25.77 -32.16 6.39
N SER A 70 25.46 -30.91 6.06
CA SER A 70 26.02 -29.75 6.72
C SER A 70 24.95 -28.69 6.88
N TYR A 71 24.98 -27.98 7.99
CA TYR A 71 23.99 -26.94 8.27
C TYR A 71 24.69 -25.70 8.78
N VAL A 72 24.14 -24.54 8.43
CA VAL A 72 24.67 -23.25 8.81
C VAL A 72 23.55 -22.47 9.49
N LEU A 73 23.87 -21.82 10.60
CA LEU A 73 22.92 -20.96 11.30
C LEU A 73 23.18 -19.53 10.85
N ALA A 74 22.16 -18.91 10.27
CA ALA A 74 22.24 -17.54 9.81
C ALA A 74 21.22 -16.68 10.53
N ASP A 75 21.66 -15.55 11.04
CA ASP A 75 20.76 -14.62 11.70
C ASP A 75 19.98 -13.86 10.65
N ALA A 76 18.70 -13.62 10.91
CA ALA A 76 17.88 -12.88 9.97
C ALA A 76 17.72 -11.41 10.35
N ASN A 77 18.42 -10.94 11.40
CA ASN A 77 18.35 -9.55 11.81
C ASN A 77 19.73 -8.96 12.02
N ASN A 78 20.73 -9.44 11.27
CA ASN A 78 22.09 -8.96 11.39
C ASN A 78 22.91 -9.53 10.24
N ASN A 79 24.10 -8.98 10.04
CA ASN A 79 25.02 -9.47 9.02
C ASN A 79 26.40 -9.58 9.61
N GLY A 80 27.24 -10.38 8.97
CA GLY A 80 28.60 -10.55 9.42
C GLY A 80 28.72 -11.61 10.50
N THR A 81 29.97 -11.83 10.91
CA THR A 81 30.30 -12.90 11.85
C THR A 81 31.00 -12.39 13.10
N THR A 82 30.82 -11.11 13.45
CA THR A 82 31.44 -10.58 14.66
C THR A 82 30.69 -10.98 15.93
N THR A 83 29.38 -11.16 15.85
CA THR A 83 28.56 -11.37 17.04
C THR A 83 28.29 -12.85 17.24
N ALA A 84 28.32 -13.30 18.49
CA ALA A 84 28.07 -14.69 18.84
C ALA A 84 26.60 -14.97 19.11
N TYR A 85 25.80 -13.93 19.33
CA TYR A 85 24.39 -14.08 19.64
C TYR A 85 23.53 -13.64 18.46
N LEU A 86 22.23 -13.88 18.59
CA LEU A 86 21.26 -13.40 17.62
C LEU A 86 20.61 -12.13 18.14
N VAL A 87 20.72 -11.05 17.37
CA VAL A 87 20.26 -9.74 17.85
C VAL A 87 18.73 -9.74 17.87
N PRO A 88 18.10 -9.48 19.01
CA PRO A 88 16.64 -9.46 19.04
C PRO A 88 16.05 -8.36 18.18
N LYS A 89 14.84 -8.61 17.69
CA LYS A 89 14.10 -7.60 16.95
C LYS A 89 13.57 -6.52 17.88
N SER A 90 13.51 -5.30 17.37
CA SER A 90 13.13 -4.14 18.16
C SER A 90 11.64 -3.87 18.03
N GLY A 91 11.10 -3.14 19.00
CA GLY A 91 9.68 -2.91 19.03
C GLY A 91 9.27 -2.12 20.25
N ASP A 92 7.96 -2.07 20.48
CA ASP A 92 7.44 -1.28 21.60
C ASP A 92 7.93 -1.81 22.93
N THR A 93 8.01 -3.13 23.08
CA THR A 93 8.28 -3.76 24.36
C THR A 93 9.61 -4.50 24.38
N ALA A 94 10.48 -4.31 23.39
CA ALA A 94 11.71 -5.08 23.33
C ALA A 94 12.64 -4.71 24.46
N ALA A 95 13.51 -5.65 24.83
CA ALA A 95 14.47 -5.43 25.90
C ALA A 95 15.85 -5.20 25.33
N THR A 96 16.58 -4.26 25.95
CA THR A 96 17.92 -3.91 25.50
C THR A 96 18.96 -4.64 26.34
N GLY A 97 20.13 -4.84 25.74
CA GLY A 97 21.24 -5.47 26.44
C GLY A 97 21.15 -6.97 26.54
N VAL A 98 20.31 -7.61 25.73
CA VAL A 98 20.06 -9.04 25.81
C VAL A 98 20.27 -9.65 24.43
N GLY A 99 20.62 -10.93 24.40
CA GLY A 99 20.79 -11.64 23.15
C GLY A 99 20.60 -13.13 23.36
N VAL A 100 20.37 -13.83 22.25
CA VAL A 100 20.12 -15.27 22.27
C VAL A 100 21.38 -15.98 21.82
N PHE A 101 21.86 -16.94 22.62
CA PHE A 101 23.02 -17.75 22.28
C PHE A 101 22.56 -19.17 21.98
N VAL A 102 23.01 -19.71 20.85
CA VAL A 102 22.64 -21.05 20.42
C VAL A 102 23.85 -21.96 20.59
N GLU A 103 23.59 -23.23 20.90
CA GLU A 103 24.66 -24.18 21.20
C GLU A 103 24.25 -25.57 20.75
N THR A 104 25.24 -26.43 20.61
CA THR A 104 25.01 -27.84 20.34
C THR A 104 24.54 -28.53 21.62
N SER A 105 23.91 -29.70 21.46
CA SER A 105 23.33 -30.38 22.60
C SER A 105 24.35 -30.66 23.70
N LYS A 106 25.63 -30.75 23.36
CA LYS A 106 26.68 -31.02 24.34
C LYS A 106 27.32 -29.76 24.90
N GLY A 107 26.86 -28.57 24.52
CA GLY A 107 27.42 -27.33 25.00
C GLY A 107 28.38 -26.66 24.05
N THR A 108 28.61 -27.21 22.88
CA THR A 108 29.53 -26.62 21.92
C THR A 108 28.87 -25.43 21.24
N PRO A 109 29.44 -24.22 21.33
CA PRO A 109 28.78 -23.07 20.72
C PRO A 109 28.62 -23.23 19.21
N VAL A 110 27.49 -22.73 18.70
CA VAL A 110 27.21 -22.73 17.27
C VAL A 110 27.39 -21.30 16.80
N ASN A 111 28.48 -21.04 16.10
CA ASN A 111 28.76 -19.70 15.61
C ASN A 111 27.96 -19.41 14.35
N ILE A 112 27.46 -18.18 14.24
CA ILE A 112 26.63 -17.82 13.10
C ILE A 112 27.50 -17.70 11.85
N GLY A 113 27.05 -18.31 10.77
CA GLY A 113 27.72 -18.19 9.49
C GLY A 113 28.77 -19.23 9.18
N SER A 114 29.06 -20.16 10.08
CA SER A 114 30.10 -21.16 9.89
C SER A 114 29.47 -22.55 9.84
N ASP A 115 29.86 -23.35 8.85
CA ASP A 115 29.23 -24.64 8.62
C ASP A 115 29.49 -25.61 9.75
N GLN A 116 28.46 -26.36 10.12
CA GLN A 116 28.56 -27.48 11.04
C GLN A 116 28.38 -28.78 10.27
N LYS A 117 28.86 -29.87 10.86
CA LYS A 117 28.81 -31.17 10.22
C LYS A 117 27.86 -32.11 10.97
N LEU A 118 26.98 -32.75 10.22
CA LEU A 118 26.05 -33.74 10.76
C LEU A 118 26.43 -35.10 10.22
N ASP A 119 26.51 -36.09 11.10
CA ASP A 119 26.91 -37.43 10.70
C ASP A 119 25.69 -38.23 10.27
N VAL A 120 25.76 -38.82 9.08
CA VAL A 120 24.64 -39.58 8.55
C VAL A 120 24.58 -40.95 9.22
N VAL A 121 23.40 -41.33 9.67
CA VAL A 121 23.18 -42.63 10.29
C VAL A 121 22.67 -43.58 9.21
N ALA A 122 23.44 -44.64 8.95
CA ALA A 122 23.14 -45.55 7.85
C ALA A 122 22.97 -46.96 8.37
N ASN A 123 22.28 -47.78 7.59
CA ASN A 123 22.08 -49.19 7.89
C ASN A 123 22.53 -50.00 6.69
N LYS A 124 23.76 -50.53 6.75
CA LYS A 124 24.34 -51.31 5.66
C LYS A 124 24.59 -50.44 4.43
N GLY A 125 25.19 -49.28 4.65
CA GLY A 125 25.59 -48.39 3.58
C GLY A 125 24.51 -47.47 3.07
N ASN A 126 23.28 -47.59 3.54
CA ASN A 126 22.17 -46.77 3.11
C ASN A 126 21.73 -45.86 4.24
N ALA A 127 21.48 -44.59 3.93
CA ALA A 127 21.06 -43.65 4.95
C ALA A 127 19.62 -43.93 5.37
N LEU A 128 19.33 -43.67 6.64
CA LEU A 128 17.98 -43.78 7.13
C LEU A 128 17.13 -42.61 6.62
N SER A 129 15.81 -42.82 6.61
CA SER A 129 14.93 -41.77 6.13
C SER A 129 14.95 -40.56 7.05
N GLU A 130 14.97 -40.77 8.36
CA GLU A 130 14.84 -39.69 9.33
C GLU A 130 16.18 -39.42 10.00
N GLN A 131 16.53 -38.15 10.12
CA GLN A 131 17.76 -37.73 10.79
C GLN A 131 17.51 -36.42 11.50
N VAL A 132 18.22 -36.21 12.61
CA VAL A 132 17.85 -35.22 13.61
C VAL A 132 19.05 -34.31 13.89
N ILE A 133 18.77 -33.03 14.11
CA ILE A 133 19.76 -32.05 14.55
C ILE A 133 19.37 -31.60 15.95
N PRO A 134 20.12 -31.97 17.00
CA PRO A 134 19.78 -31.50 18.34
C PRO A 134 20.54 -30.25 18.74
N LEU A 135 19.88 -29.31 19.43
CA LEU A 135 20.47 -28.00 19.70
C LEU A 135 19.93 -27.48 21.03
N ARG A 136 20.46 -26.32 21.44
CA ARG A 136 20.11 -25.65 22.68
C ARG A 136 19.94 -24.17 22.41
N ALA A 137 19.48 -23.43 23.41
CA ALA A 137 19.35 -21.99 23.27
C ALA A 137 18.98 -21.38 24.61
N TYR A 138 19.55 -20.21 24.89
CA TYR A 138 19.26 -19.49 26.13
C TYR A 138 19.47 -18.01 25.92
N ILE A 139 18.78 -17.22 26.74
CA ILE A 139 18.89 -15.77 26.70
C ILE A 139 19.98 -15.35 27.68
N GLY A 140 20.93 -14.54 27.21
CA GLY A 140 22.03 -14.13 28.04
C GLY A 140 22.42 -12.69 27.75
N THR A 141 23.17 -12.12 28.68
CA THR A 141 23.64 -10.75 28.54
C THR A 141 24.66 -10.66 27.41
N GLN A 142 24.66 -9.54 26.70
CA GLN A 142 25.56 -9.38 25.57
C GLN A 142 27.01 -9.34 26.01
N THR A 143 27.29 -8.85 27.21
CA THR A 143 28.64 -8.86 27.75
C THR A 143 29.07 -10.25 28.22
N ARG A 144 28.17 -11.23 28.17
CA ARG A 144 28.43 -12.59 28.65
C ARG A 144 28.96 -12.56 30.08
N ALA A 145 28.33 -11.74 30.92
CA ALA A 145 28.63 -11.66 32.34
C ALA A 145 27.40 -11.09 33.03
N ALA A 146 27.43 -11.12 34.36
CA ALA A 146 26.33 -10.63 35.18
C ALA A 146 26.01 -9.19 34.85
N GLY A 147 24.72 -8.88 34.77
CA GLY A 147 24.25 -7.55 34.48
C GLY A 147 23.10 -7.19 35.41
N ALA A 148 22.88 -5.90 35.61
CA ALA A 148 21.80 -5.44 36.48
C ALA A 148 20.76 -4.67 35.69
N ILE A 149 19.48 -4.99 35.90
CA ILE A 149 18.43 -4.30 35.18
C ILE A 149 18.47 -2.82 35.58
N GLY A 150 18.30 -1.95 34.59
CA GLY A 150 18.32 -0.52 34.82
C GLY A 150 19.69 0.12 34.65
N THR A 151 20.71 -0.71 34.41
CA THR A 151 22.05 -0.18 34.19
C THR A 151 22.50 -0.46 32.77
N ASP A 152 22.63 -1.74 32.42
CA ASP A 152 23.03 -2.13 31.07
C ASP A 152 21.95 -2.98 30.39
N VAL A 153 20.96 -3.41 31.16
CA VAL A 153 19.87 -4.23 30.65
C VAL A 153 18.53 -3.63 31.05
N THR A 154 17.56 -3.63 30.13
CA THR A 154 16.22 -3.11 30.44
C THR A 154 15.22 -4.25 30.30
N ALA A 155 14.25 -4.30 31.20
CA ALA A 155 13.24 -5.35 31.16
C ALA A 155 12.32 -5.20 29.97
N GLY A 156 11.87 -6.33 29.45
CA GLY A 156 10.96 -6.34 28.31
C GLY A 156 11.02 -7.67 27.61
N THR A 157 10.29 -7.73 26.51
CA THR A 157 10.21 -8.94 25.71
C THR A 157 11.46 -9.12 24.86
N VAL A 158 11.75 -10.36 24.50
CA VAL A 158 12.89 -10.71 23.65
C VAL A 158 12.34 -11.59 22.53
N ASP A 159 12.53 -11.18 21.28
CA ASP A 159 12.16 -11.96 20.12
C ASP A 159 13.32 -11.97 19.14
N ALA A 160 13.75 -13.16 18.74
CA ALA A 160 14.87 -13.32 17.83
C ALA A 160 14.50 -14.39 16.82
N THR A 161 15.14 -14.34 15.66
CA THR A 161 14.87 -15.31 14.59
C THR A 161 16.19 -15.69 13.93
N GLY A 162 16.42 -16.99 13.77
CA GLY A 162 17.52 -17.50 13.00
C GLY A 162 16.99 -18.31 11.83
N VAL A 163 17.90 -18.84 11.02
CA VAL A 163 17.53 -19.63 9.86
C VAL A 163 18.61 -20.67 9.60
N LEU A 164 18.26 -21.94 9.71
CA LEU A 164 19.18 -23.03 9.36
C LEU A 164 19.07 -23.35 7.88
N THR A 165 20.19 -23.22 7.18
CA THR A 165 20.31 -23.68 5.80
C THR A 165 20.96 -25.05 5.82
N ILE A 166 20.25 -26.05 5.29
CA ILE A 166 20.66 -27.45 5.38
C ILE A 166 20.99 -27.94 3.98
N ARG A 167 22.16 -28.55 3.83
CA ARG A 167 22.70 -28.93 2.53
C ARG A 167 23.11 -30.39 2.58
N ALA A 168 22.20 -31.29 2.19
CA ALA A 168 22.48 -32.71 2.12
C ALA A 168 22.83 -33.08 0.70
N ALA A 169 23.96 -33.75 0.52
CA ALA A 169 24.45 -34.09 -0.81
C ALA A 169 25.10 -35.46 -0.80
N ASP A 170 25.35 -35.98 -1.99
CA ASP A 170 26.04 -37.25 -2.18
C ASP A 170 27.46 -36.95 -2.64
N ALA A 171 28.44 -37.33 -1.81
CA ALA A 171 29.82 -36.96 -2.07
C ALA A 171 30.30 -37.51 -3.41
N THR A 172 30.10 -38.79 -3.65
CA THR A 172 30.49 -39.41 -4.92
C THR A 172 29.62 -40.61 -5.21
N ALA B 1 -7.81 30.49 17.92
CA ALA B 1 -6.70 29.83 17.18
C ALA B 1 -7.12 28.44 16.74
N PRO B 2 -6.49 27.92 15.68
CA PRO B 2 -6.87 26.59 15.20
C PRO B 2 -6.56 25.51 16.22
N ALA B 3 -7.38 24.47 16.23
CA ALA B 3 -7.18 23.36 17.15
C ALA B 3 -5.91 22.60 16.80
N ALA B 4 -5.35 21.91 17.79
CA ALA B 4 -4.12 21.16 17.60
C ALA B 4 -4.41 19.75 17.09
N ASN B 5 -3.46 19.21 16.35
CA ASN B 5 -3.58 17.87 15.77
C ASN B 5 -2.90 16.83 16.66
N ASP B 6 -3.34 16.72 17.91
CA ASP B 6 -2.65 15.93 18.91
C ASP B 6 -3.43 14.69 19.33
N SER B 7 -4.23 14.11 18.45
CA SER B 7 -5.01 12.93 18.81
C SER B 7 -4.20 11.66 18.65
N SER B 8 -4.51 10.67 19.49
CA SER B 8 -4.04 9.31 19.31
C SER B 8 -5.20 8.45 18.86
N GLN B 9 -4.99 7.64 17.82
CA GLN B 9 -6.08 7.01 17.12
C GLN B 9 -5.75 5.57 16.77
N ALA B 10 -6.79 4.74 16.68
CA ALA B 10 -6.70 3.40 16.12
C ALA B 10 -7.76 3.26 15.05
N THR B 11 -7.40 2.64 13.93
CA THR B 11 -8.28 2.47 12.79
C THR B 11 -8.76 1.02 12.77
N LEU B 12 -10.05 0.83 12.56
CA LEU B 12 -10.69 -0.47 12.62
C LEU B 12 -11.39 -0.71 11.29
N ASN B 13 -10.85 -1.60 10.47
CA ASN B 13 -11.37 -1.87 9.14
C ASN B 13 -12.13 -3.19 9.17
N PHE B 14 -13.43 -3.13 9.43
CA PHE B 14 -14.28 -4.31 9.47
C PHE B 14 -14.55 -4.79 8.05
N SER B 15 -14.83 -6.09 7.92
CA SER B 15 -15.15 -6.67 6.62
C SER B 15 -16.12 -7.82 6.84
N GLY B 16 -16.72 -8.29 5.74
CA GLY B 16 -17.71 -9.33 5.84
C GLY B 16 -18.37 -9.61 4.52
N ARG B 17 -19.51 -10.27 4.57
CA ARG B 17 -20.31 -10.55 3.38
C ARG B 17 -21.76 -10.72 3.78
N VAL B 18 -22.63 -10.71 2.77
CA VAL B 18 -23.99 -11.21 2.87
C VAL B 18 -24.20 -12.18 1.72
N THR B 19 -24.51 -13.43 2.04
CA THR B 19 -24.53 -14.48 1.04
C THR B 19 -25.94 -15.02 0.90
N SER B 20 -26.14 -15.84 -0.13
CA SER B 20 -27.39 -16.54 -0.36
C SER B 20 -27.35 -17.99 0.12
N SER B 21 -26.21 -18.44 0.65
CA SER B 21 -26.07 -19.80 1.14
C SER B 21 -26.63 -19.92 2.55
N LEU B 22 -27.03 -21.14 2.90
CA LEU B 22 -27.59 -21.44 4.21
C LEU B 22 -26.52 -21.69 5.26
N CYS B 23 -25.32 -22.09 4.86
CA CYS B 23 -24.25 -22.43 5.78
C CYS B 23 -23.15 -21.37 5.73
N GLN B 24 -22.67 -20.96 6.90
CA GLN B 24 -21.48 -20.13 6.97
C GLN B 24 -20.25 -20.94 6.62
N VAL B 25 -19.18 -20.25 6.26
CA VAL B 25 -17.84 -20.83 6.34
C VAL B 25 -17.18 -20.31 7.61
N LYS B 26 -16.60 -21.21 8.38
CA LYS B 26 -16.05 -20.82 9.67
C LYS B 26 -15.07 -19.68 9.50
N THR B 27 -15.21 -18.66 10.33
CA THR B 27 -14.53 -17.40 10.09
C THR B 27 -13.02 -17.56 10.04
N ASP B 28 -12.50 -18.64 10.63
CA ASP B 28 -11.07 -18.92 10.53
C ASP B 28 -10.71 -19.68 9.26
N ASP B 29 -11.68 -20.17 8.51
CA ASP B 29 -11.42 -20.91 7.27
C ASP B 29 -11.69 -20.07 6.03
N LEU B 30 -12.07 -18.80 6.17
CA LEU B 30 -12.27 -17.96 5.01
C LEU B 30 -10.96 -17.68 4.28
N VAL B 31 -9.84 -17.63 5.01
CA VAL B 31 -8.53 -17.49 4.40
C VAL B 31 -7.59 -18.51 5.01
N LYS B 32 -7.43 -19.65 4.35
CA LYS B 32 -6.49 -20.66 4.80
C LYS B 32 -5.10 -20.34 4.29
N ASN B 33 -4.09 -20.80 5.03
CA ASN B 33 -2.70 -20.77 4.59
C ASN B 33 -2.15 -22.17 4.74
N ILE B 34 -2.27 -22.97 3.68
CA ILE B 34 -1.86 -24.37 3.71
C ILE B 34 -0.40 -24.45 3.29
N SER B 35 0.42 -25.08 4.13
CA SER B 35 1.85 -25.21 3.85
C SER B 35 2.13 -26.62 3.35
N LEU B 36 2.42 -26.74 2.07
CA LEU B 36 2.94 -27.99 1.54
C LEU B 36 4.43 -28.09 1.86
N GLY B 37 5.02 -29.22 1.50
CA GLY B 37 6.37 -29.54 1.92
C GLY B 37 7.44 -28.78 1.17
N GLU B 38 8.53 -29.49 0.89
CA GLU B 38 9.54 -29.07 -0.07
C GLU B 38 9.79 -30.22 -1.02
N VAL B 39 9.67 -29.97 -2.33
CA VAL B 39 9.90 -31.02 -3.31
C VAL B 39 11.42 -31.17 -3.42
N SER B 40 11.99 -32.09 -2.66
CA SER B 40 13.43 -32.24 -2.65
C SER B 40 13.92 -32.82 -3.96
N LYS B 41 15.25 -32.82 -4.12
CA LYS B 41 15.84 -33.31 -5.35
C LYS B 41 15.55 -34.79 -5.54
N SER B 42 15.68 -35.58 -4.48
CA SER B 42 15.46 -37.02 -4.58
C SER B 42 14.03 -37.35 -4.94
N ALA B 43 13.07 -36.80 -4.19
CA ALA B 43 11.66 -37.04 -4.51
C ALA B 43 11.29 -36.48 -5.86
N LEU B 44 11.99 -35.45 -6.31
CA LEU B 44 11.70 -34.87 -7.62
C LEU B 44 12.15 -35.79 -8.75
N GLU B 45 13.34 -36.39 -8.61
CA GLU B 45 13.83 -37.30 -9.63
C GLU B 45 13.27 -38.71 -9.51
N ALA B 46 12.66 -39.06 -8.38
CA ALA B 46 12.14 -40.41 -8.20
C ALA B 46 10.73 -40.54 -8.79
N THR B 47 9.81 -39.70 -8.33
CA THR B 47 8.44 -39.73 -8.83
C THR B 47 7.88 -38.35 -9.16
N GLY B 48 8.65 -37.29 -8.97
CA GLY B 48 8.17 -35.96 -9.31
C GLY B 48 6.97 -35.51 -8.51
N LYS B 49 7.01 -35.67 -7.19
CA LYS B 49 5.92 -35.28 -6.31
C LYS B 49 6.44 -35.12 -4.90
N SER B 50 5.67 -34.44 -4.06
CA SER B 50 5.93 -34.43 -2.64
C SER B 50 4.82 -35.16 -1.91
N PRO B 51 5.08 -35.64 -0.69
CA PRO B 51 4.02 -36.30 0.06
C PRO B 51 2.83 -35.37 0.27
N ALA B 52 1.64 -35.93 0.14
CA ALA B 52 0.42 -35.15 0.16
C ALA B 52 0.06 -34.77 1.58
N GLN B 53 -0.30 -33.51 1.79
CA GLN B 53 -0.76 -33.00 3.07
C GLN B 53 -2.28 -32.96 3.11
N SER B 54 -2.84 -32.96 4.32
CA SER B 54 -4.28 -32.90 4.47
C SER B 54 -4.72 -31.56 5.07
N PHE B 55 -5.88 -31.10 4.64
CA PHE B 55 -6.48 -29.89 5.20
C PHE B 55 -7.99 -30.05 5.16
N GLN B 56 -8.69 -29.08 5.74
CA GLN B 56 -10.14 -29.13 5.86
C GLN B 56 -10.73 -27.74 5.62
N VAL B 57 -12.03 -27.72 5.32
CA VAL B 57 -12.82 -26.50 5.27
C VAL B 57 -14.10 -26.76 6.05
N ASN B 58 -14.33 -25.98 7.09
CA ASN B 58 -15.43 -26.22 8.02
C ASN B 58 -16.57 -25.26 7.75
N LEU B 59 -17.78 -25.78 7.71
CA LEU B 59 -19.00 -24.99 7.70
C LEU B 59 -19.64 -25.05 9.08
N ILE B 60 -20.21 -23.94 9.52
CA ILE B 60 -20.79 -23.86 10.85
C ILE B 60 -22.13 -23.13 10.76
N ASN B 61 -23.00 -23.41 11.72
CA ASN B 61 -24.31 -22.78 11.82
C ASN B 61 -25.16 -23.04 10.58
N CYS B 62 -25.11 -24.27 10.06
CA CYS B 62 -25.96 -24.64 8.93
C CYS B 62 -27.43 -24.61 9.32
N ASP B 63 -28.29 -24.41 8.34
CA ASP B 63 -29.72 -24.41 8.59
C ASP B 63 -30.22 -25.82 8.85
N SER B 64 -31.25 -25.95 9.69
CA SER B 64 -31.77 -27.27 10.02
C SER B 64 -32.35 -27.97 8.80
N LEU B 65 -32.84 -27.21 7.83
CA LEU B 65 -33.46 -27.78 6.64
C LEU B 65 -32.51 -27.91 5.47
N THR B 66 -31.19 -27.76 5.70
CA THR B 66 -30.22 -27.95 4.64
C THR B 66 -30.36 -29.35 4.07
N ASP B 67 -30.35 -29.46 2.74
CA ASP B 67 -30.63 -30.71 2.06
C ASP B 67 -29.55 -31.12 1.08
N ASP B 68 -28.99 -30.15 0.35
CA ASP B 68 -28.00 -30.41 -0.68
C ASP B 68 -26.87 -29.41 -0.55
N ILE B 69 -25.63 -29.92 -0.53
CA ILE B 69 -24.44 -29.08 -0.44
C ILE B 69 -23.50 -29.45 -1.57
N SER B 70 -22.89 -28.44 -2.18
CA SER B 70 -21.95 -28.63 -3.27
C SER B 70 -20.87 -27.56 -3.18
N TYR B 71 -19.73 -27.85 -3.79
CA TYR B 71 -18.64 -26.90 -3.83
C TYR B 71 -17.87 -27.07 -5.14
N VAL B 72 -17.17 -26.02 -5.53
CA VAL B 72 -16.38 -25.99 -6.76
C VAL B 72 -15.01 -25.42 -6.42
N LEU B 73 -13.98 -25.95 -7.05
CA LEU B 73 -12.63 -25.41 -6.91
C LEU B 73 -12.33 -24.57 -8.14
N ALA B 74 -11.92 -23.32 -7.93
CA ALA B 74 -11.60 -22.41 -9.00
C ALA B 74 -10.20 -21.84 -8.80
N ASP B 75 -9.45 -21.73 -9.89
CA ASP B 75 -8.10 -21.19 -9.83
C ASP B 75 -8.16 -19.67 -9.93
N ALA B 76 -7.31 -19.00 -9.18
CA ALA B 76 -7.25 -17.54 -9.19
C ALA B 76 -6.19 -17.00 -10.15
N ASN B 77 -5.47 -17.87 -10.86
CA ASN B 77 -4.40 -17.43 -11.75
C ASN B 77 -4.46 -18.13 -13.11
N ASN B 78 -5.65 -18.51 -13.56
CA ASN B 78 -5.78 -19.29 -14.77
C ASN B 78 -7.25 -19.37 -15.14
N ASN B 79 -7.53 -19.81 -16.37
CA ASN B 79 -8.89 -19.89 -16.88
C ASN B 79 -9.08 -21.22 -17.60
N GLY B 80 -10.33 -21.65 -17.65
CA GLY B 80 -10.69 -22.82 -18.42
C GLY B 80 -10.56 -24.11 -17.64
N THR B 81 -10.86 -25.21 -18.35
CA THR B 81 -10.80 -26.56 -17.79
C THR B 81 -9.70 -27.40 -18.42
N THR B 82 -8.76 -26.76 -19.11
CA THR B 82 -7.69 -27.51 -19.77
C THR B 82 -6.72 -28.14 -18.78
N THR B 83 -6.42 -27.47 -17.67
CA THR B 83 -5.33 -27.85 -16.79
C THR B 83 -5.87 -28.52 -15.54
N ALA B 84 -5.18 -29.58 -15.11
CA ALA B 84 -5.58 -30.36 -13.94
C ALA B 84 -4.97 -29.84 -12.64
N TYR B 85 -4.08 -28.86 -12.72
CA TYR B 85 -3.41 -28.34 -11.54
C TYR B 85 -3.65 -26.84 -11.40
N LEU B 86 -3.25 -26.31 -10.24
CA LEU B 86 -3.33 -24.88 -9.98
C LEU B 86 -2.03 -24.20 -10.42
N VAL B 87 -2.13 -23.22 -11.29
CA VAL B 87 -0.93 -22.57 -11.84
C VAL B 87 -0.33 -21.67 -10.77
N PRO B 88 0.95 -21.81 -10.44
CA PRO B 88 1.54 -20.94 -9.42
C PRO B 88 1.65 -19.50 -9.88
N LYS B 89 1.67 -18.59 -8.91
CA LYS B 89 1.94 -17.20 -9.19
C LYS B 89 3.41 -17.01 -9.56
N SER B 90 3.68 -15.99 -10.36
CA SER B 90 5.03 -15.69 -10.80
C SER B 90 5.63 -14.58 -9.96
N GLY B 91 6.95 -14.55 -9.90
CA GLY B 91 7.62 -13.59 -9.06
C GLY B 91 9.12 -13.77 -9.14
N ASP B 92 9.81 -13.11 -8.21
CA ASP B 92 11.26 -13.11 -8.24
C ASP B 92 11.83 -14.51 -8.10
N THR B 93 11.22 -15.33 -7.23
CA THR B 93 11.78 -16.62 -6.85
C THR B 93 10.91 -17.79 -7.29
N ALA B 94 9.87 -17.57 -8.07
CA ALA B 94 8.94 -18.64 -8.40
C ALA B 94 9.66 -19.75 -9.17
N ALA B 95 9.22 -20.97 -8.94
CA ALA B 95 9.78 -22.13 -9.62
C ALA B 95 8.98 -22.46 -10.87
N THR B 96 9.64 -23.00 -11.87
CA THR B 96 9.04 -23.24 -13.16
C THR B 96 8.75 -24.73 -13.34
N GLY B 97 7.61 -25.01 -13.97
CA GLY B 97 7.30 -26.37 -14.36
C GLY B 97 6.69 -27.24 -13.29
N VAL B 98 6.19 -26.66 -12.20
CA VAL B 98 5.54 -27.42 -11.14
C VAL B 98 4.18 -26.79 -10.85
N GLY B 99 3.27 -27.60 -10.35
CA GLY B 99 1.93 -27.15 -10.02
C GLY B 99 1.44 -27.80 -8.75
N VAL B 100 0.28 -27.33 -8.29
CA VAL B 100 -0.35 -27.85 -7.09
C VAL B 100 -1.56 -28.66 -7.49
N PHE B 101 -1.56 -29.96 -7.17
CA PHE B 101 -2.66 -30.85 -7.47
C PHE B 101 -3.49 -31.07 -6.22
N VAL B 102 -4.80 -30.93 -6.35
CA VAL B 102 -5.73 -31.10 -5.24
C VAL B 102 -6.47 -32.41 -5.44
N GLU B 103 -6.80 -33.08 -4.33
CA GLU B 103 -7.46 -34.38 -4.38
C GLU B 103 -8.41 -34.50 -3.21
N THR B 104 -9.36 -35.43 -3.34
CA THR B 104 -10.23 -35.78 -2.24
C THR B 104 -9.43 -36.55 -1.19
N SER B 105 -9.97 -36.60 0.04
CA SER B 105 -9.22 -37.18 1.14
C SER B 105 -8.87 -38.65 0.88
N LYS B 106 -9.59 -39.32 0.00
CA LYS B 106 -9.30 -40.72 -0.32
C LYS B 106 -8.28 -40.87 -1.45
N GLY B 107 -8.03 -39.84 -2.24
CA GLY B 107 -7.12 -39.92 -3.36
C GLY B 107 -7.74 -39.62 -4.70
N THR B 108 -9.04 -39.41 -4.77
CA THR B 108 -9.68 -39.05 -6.03
C THR B 108 -9.21 -37.68 -6.48
N PRO B 109 -9.04 -37.43 -7.78
CA PRO B 109 -8.70 -36.08 -8.21
C PRO B 109 -9.89 -35.14 -8.18
N VAL B 110 -9.62 -33.87 -7.90
CA VAL B 110 -10.63 -32.82 -7.92
C VAL B 110 -10.31 -31.91 -9.10
N ASN B 111 -11.12 -31.96 -10.14
CA ASN B 111 -10.89 -31.14 -11.32
C ASN B 111 -11.41 -29.74 -11.11
N ILE B 112 -10.71 -28.76 -11.68
CA ILE B 112 -11.07 -27.35 -11.52
C ILE B 112 -12.38 -27.08 -12.25
N GLY B 113 -13.30 -26.42 -11.56
CA GLY B 113 -14.50 -25.90 -12.19
C GLY B 113 -15.65 -26.88 -12.31
N SER B 114 -15.48 -28.13 -11.93
CA SER B 114 -16.55 -29.13 -11.97
C SER B 114 -17.03 -29.38 -10.56
N ASP B 115 -18.33 -29.23 -10.33
CA ASP B 115 -18.88 -29.24 -8.99
C ASP B 115 -18.85 -30.64 -8.39
N GLN B 116 -18.53 -30.73 -7.10
CA GLN B 116 -18.59 -31.96 -6.34
C GLN B 116 -19.81 -31.95 -5.44
N LYS B 117 -20.09 -33.13 -4.86
CA LYS B 117 -21.22 -33.30 -3.97
C LYS B 117 -20.74 -33.62 -2.56
N LEU B 118 -21.33 -32.95 -1.58
CA LEU B 118 -21.02 -33.14 -0.18
C LEU B 118 -22.24 -33.71 0.51
N ASP B 119 -22.08 -34.84 1.18
CA ASP B 119 -23.19 -35.49 1.87
C ASP B 119 -23.52 -34.75 3.15
N VAL B 120 -24.80 -34.45 3.36
CA VAL B 120 -25.21 -33.71 4.55
C VAL B 120 -25.39 -34.68 5.71
N VAL B 121 -24.71 -34.41 6.82
CA VAL B 121 -24.81 -35.23 8.02
C VAL B 121 -25.99 -34.74 8.83
N ALA B 122 -26.95 -35.63 9.07
CA ALA B 122 -28.21 -35.26 9.69
C ALA B 122 -28.49 -36.17 10.87
N ASN B 123 -29.30 -35.67 11.80
CA ASN B 123 -29.70 -36.42 12.99
C ASN B 123 -31.20 -36.30 13.16
N LYS B 124 -31.93 -37.35 12.77
CA LYS B 124 -33.39 -37.36 12.84
C LYS B 124 -34.00 -36.33 11.91
N GLY B 125 -33.57 -36.36 10.65
CA GLY B 125 -34.18 -35.57 9.60
C GLY B 125 -33.72 -34.13 9.51
N ASN B 126 -32.89 -33.67 10.43
CA ASN B 126 -32.42 -32.30 10.44
C ASN B 126 -30.89 -32.27 10.43
N ALA B 127 -30.33 -31.44 9.55
CA ALA B 127 -28.88 -31.40 9.38
C ALA B 127 -28.21 -30.88 10.64
N LEU B 128 -27.00 -31.38 10.89
CA LEU B 128 -26.19 -30.88 12.00
C LEU B 128 -25.63 -29.51 11.66
N SER B 129 -25.25 -28.78 12.71
CA SER B 129 -24.76 -27.42 12.49
C SER B 129 -23.44 -27.43 11.74
N GLU B 130 -22.47 -28.21 12.18
CA GLU B 130 -21.13 -28.21 11.62
C GLU B 130 -20.96 -29.34 10.62
N GLN B 131 -20.37 -29.02 9.47
CA GLN B 131 -20.08 -29.99 8.43
C GLN B 131 -18.76 -29.63 7.77
N VAL B 132 -17.96 -30.66 7.45
CA VAL B 132 -16.56 -30.48 7.10
C VAL B 132 -16.33 -30.99 5.68
N ILE B 133 -15.34 -30.41 5.01
CA ILE B 133 -14.93 -30.82 3.67
C ILE B 133 -13.47 -31.23 3.74
N PRO B 134 -13.15 -32.53 3.75
CA PRO B 134 -11.74 -32.93 3.84
C PRO B 134 -11.08 -33.01 2.47
N LEU B 135 -9.84 -32.56 2.35
CA LEU B 135 -9.17 -32.52 1.07
C LEU B 135 -7.69 -32.85 1.28
N ARG B 136 -6.93 -32.79 0.19
CA ARG B 136 -5.53 -33.19 0.18
C ARG B 136 -4.85 -32.43 -0.95
N ALA B 137 -3.51 -32.36 -0.92
CA ALA B 137 -2.81 -31.59 -1.95
C ALA B 137 -1.32 -31.84 -1.89
N TYR B 138 -0.65 -31.63 -3.02
CA TYR B 138 0.79 -31.81 -3.13
C TYR B 138 1.32 -31.03 -4.31
N ILE B 139 2.64 -30.83 -4.33
CA ILE B 139 3.33 -30.17 -5.43
C ILE B 139 3.91 -31.24 -6.34
N GLY B 140 3.68 -31.10 -7.65
CA GLY B 140 4.17 -32.09 -8.59
C GLY B 140 4.39 -31.48 -9.95
N THR B 141 5.26 -32.14 -10.72
CA THR B 141 5.61 -31.65 -12.04
C THR B 141 4.38 -31.61 -12.93
N GLN B 142 4.37 -30.65 -13.87
CA GLN B 142 3.22 -30.50 -14.74
C GLN B 142 3.06 -31.68 -15.69
N THR B 143 4.17 -32.25 -16.15
CA THR B 143 4.13 -33.42 -17.02
C THR B 143 3.64 -34.66 -16.30
N ARG B 144 3.51 -34.62 -14.98
CA ARG B 144 3.06 -35.77 -14.19
C ARG B 144 3.99 -36.96 -14.38
N ALA B 145 5.29 -36.69 -14.37
CA ALA B 145 6.30 -37.73 -14.44
C ALA B 145 7.58 -37.19 -13.81
N ALA B 146 8.58 -38.07 -13.71
CA ALA B 146 9.85 -37.64 -13.13
C ALA B 146 10.47 -36.52 -13.96
N GLY B 147 11.23 -35.67 -13.29
CA GLY B 147 11.87 -34.55 -13.95
C GLY B 147 13.01 -33.95 -13.14
N ALA B 148 14.11 -33.63 -13.79
CA ALA B 148 15.28 -33.10 -13.09
C ALA B 148 15.27 -31.59 -13.08
N ILE B 149 15.98 -31.01 -12.10
CA ILE B 149 16.16 -29.56 -12.03
C ILE B 149 17.17 -29.16 -13.09
N GLY B 150 16.82 -28.14 -13.86
CA GLY B 150 17.67 -27.66 -14.92
C GLY B 150 17.08 -27.98 -16.28
N THR B 151 16.83 -29.27 -16.53
CA THR B 151 16.25 -29.71 -17.79
C THR B 151 14.82 -29.23 -18.06
N ASP B 152 13.97 -29.24 -17.04
CA ASP B 152 12.58 -28.79 -17.20
C ASP B 152 12.06 -28.00 -16.00
N VAL B 153 12.39 -28.49 -14.80
CA VAL B 153 12.02 -27.82 -13.55
C VAL B 153 13.16 -26.89 -13.15
N THR B 154 12.84 -25.89 -12.34
CA THR B 154 13.85 -24.98 -11.82
C THR B 154 13.53 -24.66 -10.36
N ALA B 155 14.57 -24.66 -9.54
CA ALA B 155 14.40 -24.49 -8.11
C ALA B 155 13.84 -23.11 -7.80
N GLY B 156 12.93 -23.06 -6.85
CA GLY B 156 12.33 -21.81 -6.44
C GLY B 156 11.18 -22.04 -5.48
N THR B 157 10.47 -20.95 -5.21
CA THR B 157 9.30 -20.99 -4.37
C THR B 157 8.06 -21.34 -5.19
N VAL B 158 7.01 -21.79 -4.52
CA VAL B 158 5.75 -22.14 -5.16
C VAL B 158 4.63 -21.50 -4.34
N ASP B 159 3.90 -20.57 -4.94
CA ASP B 159 2.69 -20.01 -4.35
C ASP B 159 1.54 -20.17 -5.33
N ALA B 160 0.45 -20.76 -4.87
CA ALA B 160 -0.74 -20.95 -5.69
C ALA B 160 -1.96 -20.63 -4.85
N THR B 161 -3.03 -20.21 -5.50
CA THR B 161 -4.26 -19.83 -4.82
C THR B 161 -5.44 -20.46 -5.53
N GLY B 162 -6.23 -21.22 -4.78
CA GLY B 162 -7.51 -21.71 -5.24
C GLY B 162 -8.62 -20.99 -4.51
N VAL B 163 -9.86 -21.28 -4.90
CA VAL B 163 -11.03 -20.65 -4.30
C VAL B 163 -12.16 -21.66 -4.29
N LEU B 164 -12.78 -21.85 -3.14
CA LEU B 164 -13.89 -22.79 -2.98
C LEU B 164 -15.20 -22.04 -2.92
N THR B 165 -16.04 -22.23 -3.93
CA THR B 165 -17.38 -21.67 -3.95
C THR B 165 -18.36 -22.71 -3.46
N ILE B 166 -18.89 -22.50 -2.26
CA ILE B 166 -19.74 -23.48 -1.58
C ILE B 166 -21.18 -23.02 -1.72
N ARG B 167 -22.04 -23.92 -2.17
CA ARG B 167 -23.44 -23.59 -2.45
C ARG B 167 -24.31 -24.59 -1.69
N ALA B 168 -24.71 -24.22 -0.48
CA ALA B 168 -25.60 -25.04 0.33
C ALA B 168 -27.02 -24.56 0.15
N ALA B 169 -27.90 -25.44 -0.31
CA ALA B 169 -29.27 -25.06 -0.64
C ALA B 169 -30.23 -26.04 0.01
N ASP B 170 -31.49 -25.62 0.08
CA ASP B 170 -32.59 -26.47 0.51
C ASP B 170 -33.32 -26.94 -0.75
N ALA B 171 -32.98 -28.14 -1.22
CA ALA B 171 -33.53 -28.61 -2.49
C ALA B 171 -35.05 -28.68 -2.42
N THR B 172 -35.58 -29.20 -1.33
CA THR B 172 -37.03 -29.27 -1.15
C THR B 172 -37.36 -30.00 0.16
N ALA C 1 30.96 13.88 -20.27
CA ALA C 1 29.63 13.40 -20.74
C ALA C 1 28.69 13.25 -19.56
N PRO C 2 27.38 13.36 -19.80
CA PRO C 2 26.42 13.27 -18.70
C PRO C 2 26.48 11.90 -18.01
N ALA C 3 26.26 11.91 -16.71
CA ALA C 3 26.26 10.67 -15.93
C ALA C 3 25.11 9.78 -16.38
N ALA C 4 25.32 8.47 -16.28
CA ALA C 4 24.32 7.51 -16.72
C ALA C 4 23.36 7.17 -15.59
N ASN C 5 22.09 6.96 -15.96
CA ASN C 5 21.03 6.68 -15.01
C ASN C 5 20.94 5.18 -14.70
N ASP C 6 21.86 4.68 -13.88
CA ASP C 6 21.98 3.24 -13.64
C ASP C 6 21.97 2.88 -12.17
N SER C 7 21.44 3.73 -11.30
CA SER C 7 21.38 3.40 -9.88
C SER C 7 20.21 2.48 -9.59
N SER C 8 20.43 1.55 -8.67
CA SER C 8 19.38 0.69 -8.15
C SER C 8 19.07 1.12 -6.73
N GLN C 9 17.79 1.33 -6.45
CA GLN C 9 17.37 2.06 -5.26
C GLN C 9 16.21 1.36 -4.58
N ALA C 10 16.03 1.69 -3.31
CA ALA C 10 14.84 1.32 -2.54
C ALA C 10 14.35 2.55 -1.79
N THR C 11 13.05 2.77 -1.80
CA THR C 11 12.43 3.95 -1.22
C THR C 11 11.82 3.58 0.12
N LEU C 12 12.12 4.37 1.15
CA LEU C 12 11.68 4.11 2.51
C LEU C 12 10.78 5.26 2.94
N ASN C 13 9.50 5.00 3.11
CA ASN C 13 8.54 6.01 3.54
C ASN C 13 8.21 5.79 5.02
N PHE C 14 8.93 6.46 5.90
CA PHE C 14 8.63 6.40 7.33
C PHE C 14 7.42 7.28 7.62
N SER C 15 6.67 6.93 8.66
CA SER C 15 5.51 7.70 9.06
C SER C 15 5.27 7.52 10.55
N GLY C 16 4.45 8.38 11.12
CA GLY C 16 4.22 8.35 12.54
C GLY C 16 3.35 9.50 12.98
N ARG C 17 3.43 9.83 14.27
CA ARG C 17 2.66 10.93 14.83
C ARG C 17 3.40 11.50 16.03
N VAL C 18 2.83 12.57 16.57
CA VAL C 18 3.15 13.06 17.90
C VAL C 18 1.83 13.46 18.54
N THR C 19 1.62 13.05 19.79
CA THR C 19 0.33 13.25 20.44
C THR C 19 0.53 13.87 21.81
N SER C 20 -0.59 14.26 22.42
CA SER C 20 -0.60 14.76 23.78
C SER C 20 -1.07 13.69 24.77
N SER C 21 -1.41 12.50 24.29
CA SER C 21 -1.79 11.41 25.15
C SER C 21 -0.59 10.90 25.92
N LEU C 22 -0.84 10.31 27.09
CA LEU C 22 0.23 9.74 27.90
C LEU C 22 0.54 8.29 27.54
N CYS C 23 -0.30 7.64 26.74
CA CYS C 23 -0.14 6.24 26.39
C CYS C 23 0.03 6.07 24.90
N GLN C 24 0.85 5.12 24.49
CA GLN C 24 0.94 4.75 23.09
C GLN C 24 -0.18 3.78 22.73
N VAL C 25 -0.51 3.74 21.45
CA VAL C 25 -1.28 2.62 20.91
C VAL C 25 -0.31 1.70 20.20
N LYS C 26 -0.42 0.40 20.47
CA LYS C 26 0.60 -0.54 20.01
C LYS C 26 0.74 -0.47 18.49
N THR C 27 1.98 -0.43 18.01
CA THR C 27 2.25 -0.05 16.64
C THR C 27 1.47 -0.89 15.63
N ASP C 28 1.18 -2.13 15.98
CA ASP C 28 0.42 -2.98 15.08
C ASP C 28 -1.09 -2.93 15.36
N ASP C 29 -1.53 -2.14 16.34
CA ASP C 29 -2.94 -1.87 16.54
C ASP C 29 -3.36 -0.50 16.01
N LEU C 30 -2.46 0.21 15.33
CA LEU C 30 -2.85 1.48 14.71
C LEU C 30 -3.75 1.26 13.51
N VAL C 31 -3.66 0.11 12.87
CA VAL C 31 -4.57 -0.24 11.77
C VAL C 31 -5.01 -1.70 11.92
N LYS C 32 -6.22 -1.90 12.41
CA LYS C 32 -6.76 -3.24 12.55
C LYS C 32 -7.45 -3.68 11.27
N ASN C 33 -7.42 -4.99 11.02
CA ASN C 33 -8.21 -5.59 9.95
C ASN C 33 -9.07 -6.68 10.59
N ILE C 34 -10.26 -6.30 11.04
CA ILE C 34 -11.16 -7.20 11.74
C ILE C 34 -12.03 -7.89 10.72
N SER C 35 -12.12 -9.21 10.80
CA SER C 35 -12.83 -10.00 9.81
C SER C 35 -14.08 -10.57 10.45
N LEU C 36 -15.20 -9.86 10.30
CA LEU C 36 -16.47 -10.40 10.74
C LEU C 36 -16.87 -11.55 9.83
N GLY C 37 -17.99 -12.18 10.16
CA GLY C 37 -18.36 -13.44 9.54
C GLY C 37 -18.91 -13.29 8.14
N GLU C 38 -19.92 -14.09 7.85
CA GLU C 38 -20.75 -13.95 6.66
C GLU C 38 -22.21 -14.11 7.07
N VAL C 39 -23.03 -13.12 6.75
CA VAL C 39 -24.43 -13.15 7.15
C VAL C 39 -25.15 -14.08 6.18
N SER C 40 -25.19 -15.35 6.51
CA SER C 40 -25.83 -16.33 5.65
C SER C 40 -27.31 -16.03 5.50
N LYS C 41 -27.98 -16.78 4.62
CA LYS C 41 -29.40 -16.57 4.39
C LYS C 41 -30.21 -16.99 5.60
N SER C 42 -29.91 -18.16 6.18
CA SER C 42 -30.67 -18.66 7.32
C SER C 42 -30.54 -17.72 8.51
N ALA C 43 -29.31 -17.34 8.85
CA ALA C 43 -29.11 -16.41 9.96
C ALA C 43 -29.74 -15.06 9.68
N LEU C 44 -29.66 -14.60 8.43
CA LEU C 44 -30.24 -13.30 8.09
C LEU C 44 -31.75 -13.33 8.29
N GLU C 45 -32.41 -14.40 7.86
CA GLU C 45 -33.86 -14.49 8.00
C GLU C 45 -34.31 -14.81 9.43
N ALA C 46 -33.46 -15.45 10.24
CA ALA C 46 -33.86 -15.85 11.57
C ALA C 46 -33.86 -14.66 12.53
N THR C 47 -32.68 -14.06 12.74
CA THR C 47 -32.57 -12.90 13.62
C THR C 47 -31.89 -11.71 12.96
N GLY C 48 -31.48 -11.80 11.70
CA GLY C 48 -30.88 -10.68 11.02
C GLY C 48 -29.55 -10.23 11.59
N LYS C 49 -28.71 -11.17 12.02
CA LYS C 49 -27.40 -10.86 12.56
C LYS C 49 -26.44 -12.00 12.26
N SER C 50 -25.16 -11.72 12.40
CA SER C 50 -24.16 -12.77 12.42
C SER C 50 -23.63 -12.93 13.83
N PRO C 51 -23.07 -14.09 14.18
CA PRO C 51 -22.45 -14.24 15.49
C PRO C 51 -21.34 -13.22 15.67
N ALA C 52 -21.28 -12.63 16.86
CA ALA C 52 -20.42 -11.49 17.12
C ALA C 52 -19.00 -11.94 17.41
N GLN C 53 -18.03 -11.28 16.79
CA GLN C 53 -16.62 -11.59 16.96
C GLN C 53 -15.99 -10.65 17.97
N SER C 54 -14.90 -11.08 18.58
CA SER C 54 -14.19 -10.25 19.54
C SER C 54 -12.88 -9.73 18.97
N PHE C 55 -12.44 -8.59 19.50
CA PHE C 55 -11.14 -8.03 19.16
C PHE C 55 -10.71 -7.10 20.28
N GLN C 56 -9.45 -6.69 20.23
CA GLN C 56 -8.86 -5.85 21.28
C GLN C 56 -8.05 -4.74 20.66
N VAL C 57 -7.87 -3.66 21.43
CA VAL C 57 -6.96 -2.57 21.09
C VAL C 57 -6.05 -2.37 22.29
N ASN C 58 -4.76 -2.59 22.11
CA ASN C 58 -3.80 -2.60 23.20
C ASN C 58 -3.06 -1.28 23.27
N LEU C 59 -3.08 -0.65 24.43
CA LEU C 59 -2.19 0.45 24.73
C LEU C 59 -0.90 -0.10 25.33
N ILE C 60 0.17 0.67 25.22
CA ILE C 60 1.49 0.22 25.69
C ILE C 60 2.29 1.43 26.16
N ASN C 61 3.21 1.19 27.07
CA ASN C 61 4.10 2.22 27.59
C ASN C 61 3.32 3.38 28.21
N CYS C 62 2.23 3.08 28.92
CA CYS C 62 1.49 4.12 29.62
C CYS C 62 2.36 4.75 30.69
N ASP C 63 1.95 5.93 31.14
CA ASP C 63 2.74 6.66 32.13
C ASP C 63 2.45 6.14 33.53
N SER C 64 3.48 6.17 34.39
CA SER C 64 3.32 5.69 35.76
C SER C 64 2.24 6.46 36.49
N LEU C 65 1.97 7.69 36.09
CA LEU C 65 0.96 8.52 36.73
C LEU C 65 -0.34 8.59 35.94
N THR C 66 -0.53 7.74 34.94
CA THR C 66 -1.79 7.70 34.21
C THR C 66 -2.93 7.48 35.20
N ASP C 67 -3.98 8.27 35.10
CA ASP C 67 -5.08 8.22 36.06
C ASP C 67 -6.43 8.03 35.39
N ASP C 68 -6.67 8.71 34.28
CA ASP C 68 -7.95 8.75 33.61
C ASP C 68 -7.75 8.39 32.14
N ILE C 69 -8.51 7.40 31.66
CA ILE C 69 -8.43 6.96 30.28
C ILE C 69 -9.84 6.91 29.72
N SER C 70 -10.02 7.45 28.51
CA SER C 70 -11.30 7.45 27.83
C SER C 70 -11.06 7.14 26.36
N TYR C 71 -12.09 6.60 25.70
CA TYR C 71 -12.04 6.38 24.27
C TYR C 71 -13.39 6.70 23.67
N VAL C 72 -13.39 7.06 22.39
CA VAL C 72 -14.59 7.41 21.65
C VAL C 72 -14.54 6.73 20.29
N LEU C 73 -15.62 6.05 19.93
CA LEU C 73 -15.73 5.41 18.63
C LEU C 73 -16.37 6.40 17.66
N ALA C 74 -15.62 6.81 16.65
CA ALA C 74 -16.10 7.74 15.64
C ALA C 74 -16.18 7.03 14.30
N ASP C 75 -17.29 7.24 13.60
CA ASP C 75 -17.49 6.60 12.31
C ASP C 75 -16.78 7.41 11.23
N ALA C 76 -16.18 6.71 10.27
CA ALA C 76 -15.42 7.36 9.21
C ALA C 76 -16.23 7.62 7.94
N ASN C 77 -17.51 7.22 7.91
CA ASN C 77 -18.33 7.42 6.71
C ASN C 77 -19.69 8.01 7.05
N ASN C 78 -19.78 8.80 8.10
CA ASN C 78 -21.03 9.44 8.50
C ASN C 78 -20.72 10.46 9.58
N ASN C 79 -21.66 11.36 9.81
CA ASN C 79 -21.51 12.35 10.87
C ASN C 79 -22.83 12.47 11.62
N GLY C 80 -22.72 12.86 12.89
CA GLY C 80 -23.88 12.97 13.75
C GLY C 80 -24.07 11.75 14.61
N THR C 81 -25.05 11.84 15.50
CA THR C 81 -25.41 10.76 16.41
C THR C 81 -26.76 10.13 16.06
N THR C 82 -27.16 10.21 14.79
CA THR C 82 -28.48 9.70 14.41
C THR C 82 -28.52 8.18 14.34
N THR C 83 -27.37 7.53 14.08
CA THR C 83 -27.34 6.11 13.75
C THR C 83 -26.57 5.34 14.81
N ALA C 84 -26.93 4.07 14.96
CA ALA C 84 -26.27 3.18 15.91
C ALA C 84 -25.20 2.32 15.27
N TYR C 85 -25.25 2.16 13.95
CA TYR C 85 -24.30 1.32 13.23
C TYR C 85 -23.27 2.17 12.49
N LEU C 86 -22.15 1.54 12.16
CA LEU C 86 -21.20 2.13 11.24
C LEU C 86 -21.67 1.92 9.82
N VAL C 87 -21.78 2.99 9.05
CA VAL C 87 -22.34 2.89 7.70
C VAL C 87 -21.30 2.25 6.77
N PRO C 88 -21.64 1.16 6.09
CA PRO C 88 -20.68 0.55 5.18
C PRO C 88 -20.35 1.45 4.01
N LYS C 89 -19.14 1.29 3.48
CA LYS C 89 -18.74 2.03 2.29
C LYS C 89 -19.43 1.45 1.06
N SER C 90 -19.60 2.29 0.05
CA SER C 90 -20.26 1.91 -1.19
C SER C 90 -19.24 1.59 -2.27
N GLY C 91 -19.65 0.80 -3.25
CA GLY C 91 -18.73 0.37 -4.27
C GLY C 91 -19.40 -0.53 -5.27
N ASP C 92 -18.58 -1.25 -6.03
CA ASP C 92 -19.08 -2.09 -7.11
C ASP C 92 -19.98 -3.21 -6.60
N THR C 93 -19.60 -3.85 -5.49
CA THR C 93 -20.31 -5.03 -4.99
C THR C 93 -20.89 -4.84 -3.60
N ALA C 94 -20.83 -3.64 -3.03
CA ALA C 94 -21.25 -3.45 -1.65
C ALA C 94 -22.70 -3.89 -1.45
N ALA C 95 -23.01 -4.32 -0.24
CA ALA C 95 -24.34 -4.80 0.10
C ALA C 95 -25.14 -3.72 0.79
N THR C 96 -26.41 -3.61 0.42
CA THR C 96 -27.29 -2.57 0.93
C THR C 96 -28.10 -3.07 2.11
N GLY C 97 -28.52 -2.15 2.95
CA GLY C 97 -29.40 -2.45 4.05
C GLY C 97 -28.77 -3.17 5.21
N VAL C 98 -27.46 -3.03 5.40
CA VAL C 98 -26.73 -3.73 6.45
C VAL C 98 -25.80 -2.75 7.15
N GLY C 99 -25.46 -3.05 8.40
CA GLY C 99 -24.59 -2.19 9.18
C GLY C 99 -23.69 -3.02 10.08
N VAL C 100 -22.75 -2.33 10.72
CA VAL C 100 -21.78 -2.96 11.61
C VAL C 100 -21.97 -2.37 13.01
N PHE C 101 -22.50 -3.18 13.93
CA PHE C 101 -22.76 -2.74 15.30
C PHE C 101 -21.60 -3.15 16.20
N VAL C 102 -21.10 -2.22 16.99
CA VAL C 102 -19.99 -2.45 17.91
C VAL C 102 -20.52 -2.48 19.33
N GLU C 103 -19.92 -3.31 20.17
CA GLU C 103 -20.37 -3.49 21.54
C GLU C 103 -19.19 -3.77 22.44
N THR C 104 -19.39 -3.60 23.74
CA THR C 104 -18.38 -4.00 24.70
C THR C 104 -18.40 -5.52 24.87
N SER C 105 -17.34 -6.04 25.48
CA SER C 105 -17.19 -7.49 25.58
C SER C 105 -18.35 -8.14 26.32
N LYS C 106 -19.01 -7.41 27.22
CA LYS C 106 -20.14 -7.95 27.97
C LYS C 106 -21.46 -7.80 27.25
N GLY C 107 -21.54 -7.01 26.18
CA GLY C 107 -22.76 -6.85 25.42
C GLY C 107 -23.43 -5.49 25.52
N THR C 108 -22.84 -4.54 26.21
CA THR C 108 -23.39 -3.19 26.26
C THR C 108 -23.11 -2.47 24.94
N PRO C 109 -24.11 -1.88 24.29
CA PRO C 109 -23.85 -1.21 23.01
C PRO C 109 -22.90 -0.04 23.15
N VAL C 110 -22.10 0.18 22.11
CA VAL C 110 -21.20 1.33 22.02
C VAL C 110 -21.81 2.27 20.99
N ASN C 111 -22.25 3.44 21.45
CA ASN C 111 -22.83 4.43 20.55
C ASN C 111 -21.73 5.29 19.95
N ILE C 112 -21.95 5.78 18.74
CA ILE C 112 -20.90 6.48 18.01
C ILE C 112 -20.73 7.89 18.57
N GLY C 113 -19.52 8.19 19.02
CA GLY C 113 -19.18 9.54 19.44
C GLY C 113 -19.45 9.86 20.89
N SER C 114 -19.85 8.90 21.71
CA SER C 114 -20.16 9.12 23.11
C SER C 114 -19.03 8.59 23.97
N ASP C 115 -18.52 9.43 24.87
CA ASP C 115 -17.38 9.06 25.69
C ASP C 115 -17.65 7.80 26.48
N GLN C 116 -16.71 6.86 26.41
CA GLN C 116 -16.64 5.73 27.33
C GLN C 116 -15.48 5.93 28.30
N LYS C 117 -15.50 5.16 29.38
CA LYS C 117 -14.43 5.20 30.36
C LYS C 117 -13.72 3.86 30.42
N LEU C 118 -12.44 3.90 30.76
CA LEU C 118 -11.61 2.72 30.90
C LEU C 118 -10.98 2.74 32.29
N ASP C 119 -11.05 1.62 32.99
CA ASP C 119 -10.42 1.51 34.31
C ASP C 119 -8.95 1.17 34.14
N VAL C 120 -8.08 1.87 34.88
CA VAL C 120 -6.65 1.67 34.73
C VAL C 120 -6.16 0.68 35.78
N VAL C 121 -5.41 -0.33 35.34
CA VAL C 121 -4.87 -1.36 36.21
C VAL C 121 -3.59 -0.83 36.82
N ALA C 122 -3.55 -0.76 38.15
CA ALA C 122 -2.43 -0.16 38.85
C ALA C 122 -1.90 -1.14 39.89
N ASN C 123 -0.60 -1.03 40.17
CA ASN C 123 0.06 -1.86 41.17
C ASN C 123 0.74 -0.93 42.18
N LYS C 124 0.11 -0.75 43.33
CA LYS C 124 0.62 0.14 44.37
C LYS C 124 0.62 1.59 43.89
N GLY C 125 -0.49 2.01 43.29
CA GLY C 125 -0.69 3.38 42.91
C GLY C 125 -0.16 3.78 41.56
N ASN C 126 0.68 2.96 40.94
CA ASN C 126 1.27 3.26 39.65
C ASN C 126 0.62 2.41 38.57
N ALA C 127 0.13 3.06 37.52
CA ALA C 127 -0.53 2.35 36.45
C ALA C 127 0.43 1.42 35.73
N LEU C 128 -0.06 0.25 35.33
CA LEU C 128 0.75 -0.68 34.58
C LEU C 128 0.93 -0.16 33.15
N SER C 129 1.97 -0.67 32.49
CA SER C 129 2.31 -0.14 31.17
C SER C 129 1.27 -0.52 30.13
N GLU C 130 0.87 -1.79 30.07
CA GLU C 130 -0.04 -2.28 29.04
C GLU C 130 -1.46 -2.33 29.55
N GLN C 131 -2.39 -1.80 28.77
CA GLN C 131 -3.80 -1.78 29.10
C GLN C 131 -4.62 -2.04 27.85
N VAL C 132 -5.75 -2.72 28.01
CA VAL C 132 -6.45 -3.34 26.89
C VAL C 132 -7.89 -2.84 26.85
N ILE C 133 -8.41 -2.70 25.64
CA ILE C 133 -9.79 -2.27 25.39
C ILE C 133 -10.51 -3.40 24.68
N PRO C 134 -11.30 -4.23 25.38
CA PRO C 134 -11.96 -5.36 24.70
C PRO C 134 -13.28 -4.96 24.09
N LEU C 135 -13.53 -5.36 22.84
CA LEU C 135 -14.74 -4.95 22.14
C LEU C 135 -15.31 -6.15 21.39
N ARG C 136 -16.40 -5.90 20.67
CA ARG C 136 -17.13 -6.94 19.96
C ARG C 136 -17.91 -6.29 18.83
N ALA C 137 -18.21 -7.06 17.79
CA ALA C 137 -18.89 -6.51 16.62
C ALA C 137 -19.60 -7.60 15.84
N TYR C 138 -20.65 -7.22 15.13
CA TYR C 138 -21.39 -8.13 14.26
C TYR C 138 -22.08 -7.35 13.17
N ILE C 139 -22.39 -8.04 12.08
CA ILE C 139 -23.05 -7.43 10.93
C ILE C 139 -24.54 -7.72 11.02
N GLY C 140 -25.35 -6.69 11.23
CA GLY C 140 -26.77 -6.87 11.39
C GLY C 140 -27.55 -5.85 10.59
N THR C 141 -28.80 -6.20 10.27
CA THR C 141 -29.63 -5.37 9.43
C THR C 141 -29.80 -3.99 10.06
N GLN C 142 -30.14 -3.00 9.23
CA GLN C 142 -30.31 -1.64 9.70
C GLN C 142 -31.56 -1.48 10.55
N THR C 143 -32.60 -2.28 10.28
CA THR C 143 -33.85 -2.19 11.03
C THR C 143 -33.81 -2.93 12.35
N ARG C 144 -32.78 -3.75 12.59
CA ARG C 144 -32.66 -4.53 13.82
C ARG C 144 -33.79 -5.55 13.92
N ALA C 145 -34.04 -6.26 12.83
CA ALA C 145 -35.02 -7.35 12.82
C ALA C 145 -34.77 -8.20 11.59
N ALA C 146 -35.47 -9.33 11.52
CA ALA C 146 -35.27 -10.24 10.41
C ALA C 146 -35.63 -9.57 9.08
N GLY C 147 -34.95 -9.99 8.01
CA GLY C 147 -35.19 -9.43 6.71
C GLY C 147 -34.58 -10.26 5.60
N ALA C 148 -35.32 -10.47 4.52
CA ALA C 148 -34.88 -11.36 3.47
C ALA C 148 -34.11 -10.60 2.39
N ILE C 149 -33.24 -11.31 1.70
CA ILE C 149 -32.52 -10.74 0.56
C ILE C 149 -33.52 -10.47 -0.54
N GLY C 150 -33.51 -9.24 -1.05
CA GLY C 150 -34.43 -8.84 -2.09
C GLY C 150 -35.34 -7.71 -1.62
N THR C 151 -36.14 -7.97 -0.59
CA THR C 151 -37.05 -6.97 -0.05
C THR C 151 -36.38 -5.74 0.57
N ASP C 152 -35.30 -5.94 1.31
CA ASP C 152 -34.60 -4.82 1.94
C ASP C 152 -33.08 -4.95 1.91
N VAL C 153 -32.59 -6.17 2.12
CA VAL C 153 -31.16 -6.46 2.08
C VAL C 153 -30.81 -7.02 0.72
N THR C 154 -29.55 -6.84 0.32
CA THR C 154 -29.04 -7.42 -0.91
C THR C 154 -27.63 -7.94 -0.68
N ALA C 155 -27.27 -8.99 -1.40
CA ALA C 155 -26.00 -9.66 -1.18
C ALA C 155 -24.84 -8.81 -1.67
N GLY C 156 -23.68 -9.02 -1.06
CA GLY C 156 -22.49 -8.30 -1.45
C GLY C 156 -21.48 -8.29 -0.33
N THR C 157 -20.54 -7.36 -0.45
CA THR C 157 -19.50 -7.17 0.55
C THR C 157 -19.92 -6.11 1.55
N VAL C 158 -19.27 -6.11 2.72
CA VAL C 158 -19.56 -5.17 3.78
C VAL C 158 -18.23 -4.64 4.31
N ASP C 159 -17.80 -3.49 3.82
CA ASP C 159 -16.63 -2.80 4.33
C ASP C 159 -17.07 -1.57 5.11
N ALA C 160 -16.66 -1.48 6.37
CA ALA C 160 -16.96 -0.34 7.22
C ALA C 160 -15.73 -0.01 8.03
N THR C 161 -15.62 1.24 8.45
CA THR C 161 -14.44 1.73 9.16
C THR C 161 -14.88 2.59 10.33
N GLY C 162 -14.34 2.31 11.51
CA GLY C 162 -14.46 3.17 12.65
C GLY C 162 -13.09 3.67 13.07
N VAL C 163 -13.07 4.71 13.89
CA VAL C 163 -11.83 5.29 14.39
C VAL C 163 -11.98 5.51 15.89
N LEU C 164 -11.08 4.91 16.66
CA LEU C 164 -11.08 5.07 18.12
C LEU C 164 -10.11 6.18 18.49
N THR C 165 -10.60 7.16 19.23
CA THR C 165 -9.78 8.24 19.74
C THR C 165 -9.57 8.05 21.24
N ILE C 166 -8.34 7.79 21.64
CA ILE C 166 -8.01 7.44 23.02
C ILE C 166 -7.37 8.65 23.67
N ARG C 167 -7.84 9.00 24.86
CA ARG C 167 -7.38 10.19 25.57
C ARG C 167 -7.00 9.76 26.99
N ALA C 168 -5.73 9.43 27.20
CA ALA C 168 -5.23 9.08 28.52
C ALA C 168 -4.59 10.32 29.13
N ALA C 169 -5.11 10.75 30.28
CA ALA C 169 -4.68 11.99 30.89
C ALA C 169 -4.56 11.80 32.39
N ASP C 170 -3.76 12.66 33.01
CA ASP C 170 -3.58 12.69 34.46
C ASP C 170 -4.55 13.72 35.03
N ALA C 171 -5.60 13.25 35.69
CA ALA C 171 -6.63 14.15 36.19
C ALA C 171 -6.06 15.14 37.19
N THR C 172 -5.23 14.66 38.12
CA THR C 172 -4.56 15.52 39.08
C THR C 172 -3.70 14.65 39.99
N ALA D 1 -21.43 6.20 -41.50
CA ALA D 1 -21.62 7.07 -40.31
C ALA D 1 -20.49 6.85 -39.31
N PRO D 2 -20.14 7.88 -38.54
CA PRO D 2 -19.00 7.76 -37.63
C PRO D 2 -19.22 6.64 -36.61
N ALA D 3 -18.12 5.97 -36.25
CA ALA D 3 -18.19 4.89 -35.29
C ALA D 3 -18.57 5.41 -33.91
N ALA D 4 -19.19 4.56 -33.11
CA ALA D 4 -19.65 4.94 -31.78
C ALA D 4 -18.58 4.66 -30.75
N ASN D 5 -18.51 5.53 -29.75
CA ASN D 5 -17.49 5.45 -28.69
C ASN D 5 -17.97 4.60 -27.52
N ASP D 6 -18.13 3.30 -27.74
CA ASP D 6 -18.70 2.41 -26.74
C ASP D 6 -17.76 1.27 -26.37
N SER D 7 -16.45 1.50 -26.39
CA SER D 7 -15.51 0.47 -26.00
C SER D 7 -15.29 0.48 -24.49
N SER D 8 -15.03 -0.70 -23.94
CA SER D 8 -14.73 -0.86 -22.52
C SER D 8 -13.24 -1.14 -22.38
N GLN D 9 -12.55 -0.30 -21.61
CA GLN D 9 -11.10 -0.25 -21.62
C GLN D 9 -10.55 -0.42 -20.21
N ALA D 10 -9.37 -1.03 -20.14
CA ALA D 10 -8.55 -1.05 -18.93
C ALA D 10 -7.13 -0.66 -19.30
N THR D 11 -6.54 0.26 -18.55
CA THR D 11 -5.26 0.86 -18.87
C THR D 11 -4.19 0.26 -17.98
N LEU D 12 -3.14 -0.29 -18.59
CA LEU D 12 -2.09 -1.00 -17.86
C LEU D 12 -0.81 -0.17 -17.97
N ASN D 13 -0.34 0.35 -16.84
CA ASN D 13 0.88 1.15 -16.80
C ASN D 13 1.99 0.30 -16.21
N PHE D 14 2.83 -0.26 -17.07
CA PHE D 14 3.99 -1.03 -16.62
C PHE D 14 5.13 -0.07 -16.33
N SER D 15 5.98 -0.44 -15.39
CA SER D 15 7.13 0.37 -15.02
C SER D 15 8.24 -0.51 -14.48
N GLY D 16 9.45 0.01 -14.49
CA GLY D 16 10.60 -0.77 -14.07
C GLY D 16 11.87 0.03 -14.19
N ARG D 17 12.99 -0.67 -14.31
CA ARG D 17 14.28 -0.03 -14.55
C ARG D 17 15.21 -1.00 -15.25
N VAL D 18 16.36 -0.47 -15.65
CA VAL D 18 17.54 -1.25 -16.01
C VAL D 18 18.70 -0.61 -15.27
N THR D 19 19.55 -1.43 -14.66
CA THR D 19 20.58 -0.90 -13.77
C THR D 19 21.93 -1.48 -14.11
N SER D 20 22.92 -1.13 -13.29
CA SER D 20 24.28 -1.63 -13.43
C SER D 20 24.69 -2.49 -12.24
N SER D 21 23.85 -2.60 -11.22
CA SER D 21 24.14 -3.46 -10.08
C SER D 21 23.98 -4.92 -10.46
N LEU D 22 24.64 -5.80 -9.71
CA LEU D 22 24.55 -7.24 -9.94
C LEU D 22 23.43 -7.90 -9.15
N CYS D 23 22.76 -7.18 -8.26
CA CYS D 23 21.70 -7.74 -7.42
C CYS D 23 20.41 -6.96 -7.63
N GLN D 24 19.30 -7.68 -7.73
CA GLN D 24 18.00 -7.04 -7.74
C GLN D 24 17.61 -6.60 -6.34
N VAL D 25 16.74 -5.60 -6.25
CA VAL D 25 16.05 -5.31 -5.01
C VAL D 25 14.67 -5.95 -5.08
N LYS D 26 14.30 -6.70 -4.05
CA LYS D 26 13.09 -7.50 -4.13
C LYS D 26 11.91 -6.62 -4.52
N THR D 27 11.16 -7.07 -5.51
CA THR D 27 10.18 -6.21 -6.18
C THR D 27 9.31 -5.45 -5.20
N ASP D 28 9.06 -6.02 -4.02
CA ASP D 28 8.20 -5.38 -3.04
C ASP D 28 8.96 -4.50 -2.05
N ASP D 29 10.29 -4.46 -2.13
CA ASP D 29 11.08 -3.54 -1.33
C ASP D 29 11.43 -2.26 -2.07
N LEU D 30 11.03 -2.12 -3.34
CA LEU D 30 11.32 -0.90 -4.07
C LEU D 30 10.57 0.29 -3.50
N VAL D 31 9.47 0.04 -2.81
CA VAL D 31 8.73 1.09 -2.11
C VAL D 31 8.26 0.55 -0.77
N LYS D 32 8.96 0.93 0.30
CA LYS D 32 8.57 0.50 1.63
C LYS D 32 7.57 1.46 2.25
N ASN D 33 6.84 0.97 3.24
CA ASN D 33 5.99 1.80 4.09
C ASN D 33 6.22 1.36 5.53
N ILE D 34 7.22 1.95 6.17
CA ILE D 34 7.55 1.66 7.56
C ILE D 34 6.68 2.54 8.44
N SER D 35 6.04 1.95 9.43
CA SER D 35 5.11 2.67 10.29
C SER D 35 5.72 2.77 11.67
N LEU D 36 6.49 3.83 11.91
CA LEU D 36 7.00 4.07 13.25
C LEU D 36 5.83 4.32 14.20
N GLY D 37 6.13 4.38 15.48
CA GLY D 37 5.11 4.37 16.50
C GLY D 37 4.39 5.69 16.61
N GLU D 38 4.00 6.02 17.84
CA GLU D 38 3.49 7.33 18.20
C GLU D 38 4.36 7.87 19.32
N VAL D 39 4.82 9.12 19.16
CA VAL D 39 5.67 9.75 20.17
C VAL D 39 4.75 10.35 21.21
N SER D 40 4.32 9.55 22.17
CA SER D 40 3.39 10.03 23.17
C SER D 40 4.04 11.13 24.02
N LYS D 41 3.24 11.77 24.85
CA LYS D 41 3.73 12.87 25.67
C LYS D 41 4.73 12.37 26.70
N SER D 42 4.46 11.22 27.32
CA SER D 42 5.34 10.70 28.36
C SER D 42 6.72 10.39 27.80
N ALA D 43 6.78 9.61 26.71
CA ALA D 43 8.06 9.30 26.11
C ALA D 43 8.75 10.54 25.57
N LEU D 44 7.98 11.54 25.15
CA LEU D 44 8.57 12.77 24.64
C LEU D 44 9.27 13.53 25.76
N GLU D 45 8.62 13.64 26.92
CA GLU D 45 9.22 14.35 28.04
C GLU D 45 10.30 13.55 28.75
N ALA D 46 10.30 12.22 28.61
CA ALA D 46 11.28 11.40 29.31
C ALA D 46 12.64 11.44 28.61
N THR D 47 12.68 11.03 27.34
CA THR D 47 13.90 11.06 26.56
C THR D 47 13.71 11.61 25.16
N GLY D 48 12.52 12.07 24.79
CA GLY D 48 12.32 12.61 23.47
C GLY D 48 12.56 11.64 22.35
N LYS D 49 12.04 10.41 22.47
CA LYS D 49 12.21 9.38 21.45
C LYS D 49 11.01 8.45 21.50
N SER D 50 10.83 7.67 20.44
CA SER D 50 9.92 6.55 20.46
C SER D 50 10.74 5.27 20.43
N PRO D 51 10.15 4.14 20.80
CA PRO D 51 10.86 2.87 20.67
C PRO D 51 11.24 2.60 19.22
N ALA D 52 12.44 2.07 19.04
CA ALA D 52 12.98 1.83 17.72
C ALA D 52 12.32 0.60 17.10
N GLN D 53 11.85 0.74 15.86
CA GLN D 53 11.25 -0.36 15.13
C GLN D 53 12.25 -0.93 14.15
N SER D 54 12.02 -2.18 13.73
CA SER D 54 12.93 -2.86 12.80
C SER D 54 12.30 -3.03 11.43
N PHE D 55 13.17 -3.09 10.42
CA PHE D 55 12.74 -3.38 9.06
C PHE D 55 13.95 -3.88 8.27
N GLN D 56 13.69 -4.29 7.03
CA GLN D 56 14.70 -4.94 6.21
C GLN D 56 14.60 -4.47 4.77
N VAL D 57 15.69 -4.59 4.03
CA VAL D 57 15.72 -4.44 2.58
C VAL D 57 16.37 -5.67 2.00
N ASN D 58 15.62 -6.42 1.19
CA ASN D 58 16.05 -7.72 0.71
C ASN D 58 16.55 -7.62 -0.73
N LEU D 59 17.76 -8.09 -0.97
CA LEU D 59 18.29 -8.29 -2.31
C LEU D 59 18.02 -9.73 -2.73
N ILE D 60 17.74 -9.92 -4.01
CA ILE D 60 17.41 -11.24 -4.53
C ILE D 60 18.10 -11.42 -5.88
N ASN D 61 18.32 -12.68 -6.24
CA ASN D 61 18.93 -13.05 -7.52
C ASN D 61 20.31 -12.42 -7.70
N CYS D 62 21.07 -12.31 -6.62
CA CYS D 62 22.44 -11.80 -6.73
C CYS D 62 23.26 -12.70 -7.64
N ASP D 63 24.41 -12.18 -8.06
CA ASP D 63 25.28 -12.93 -8.96
C ASP D 63 26.26 -13.78 -8.18
N SER D 64 26.63 -14.93 -8.75
CA SER D 64 27.52 -15.85 -8.05
C SER D 64 28.85 -15.21 -7.71
N LEU D 65 29.31 -14.26 -8.52
CA LEU D 65 30.60 -13.64 -8.30
C LEU D 65 30.51 -12.33 -7.53
N THR D 66 29.33 -11.98 -7.00
CA THR D 66 29.19 -10.75 -6.23
C THR D 66 30.20 -10.74 -5.08
N ASP D 67 31.13 -9.80 -5.14
CA ASP D 67 32.22 -9.74 -4.17
C ASP D 67 32.04 -8.64 -3.15
N ASP D 68 31.44 -7.52 -3.53
CA ASP D 68 31.33 -6.34 -2.68
C ASP D 68 29.94 -5.75 -2.82
N ILE D 69 29.34 -5.36 -1.70
CA ILE D 69 28.05 -4.69 -1.68
C ILE D 69 28.15 -3.53 -0.71
N SER D 70 27.75 -2.34 -1.16
CA SER D 70 27.72 -1.14 -0.34
C SER D 70 26.39 -0.44 -0.54
N TYR D 71 25.90 0.21 0.51
CA TYR D 71 24.64 0.94 0.43
C TYR D 71 24.81 2.30 1.08
N VAL D 72 24.09 3.29 0.53
CA VAL D 72 24.16 4.66 1.00
C VAL D 72 22.75 5.13 1.27
N LEU D 73 22.53 5.79 2.40
CA LEU D 73 21.22 6.34 2.74
C LEU D 73 21.22 7.83 2.40
N ALA D 74 20.35 8.22 1.48
CA ALA D 74 20.21 9.60 1.05
C ALA D 74 18.85 10.13 1.46
N ASP D 75 18.82 11.32 2.02
CA ASP D 75 17.58 11.96 2.40
C ASP D 75 16.93 12.60 1.17
N ALA D 76 15.63 12.41 1.03
CA ALA D 76 14.92 12.92 -0.14
C ALA D 76 14.34 14.31 0.07
N ASN D 77 14.58 14.93 1.23
CA ASN D 77 14.09 16.28 1.49
C ASN D 77 15.14 17.16 2.13
N ASN D 78 16.41 16.98 1.79
CA ASN D 78 17.48 17.82 2.31
C ASN D 78 18.77 17.46 1.58
N ASN D 79 19.73 18.37 1.63
CA ASN D 79 21.01 18.16 0.97
C ASN D 79 22.14 18.45 1.95
N GLY D 80 23.24 17.72 1.78
CA GLY D 80 24.39 17.87 2.64
C GLY D 80 24.34 16.94 3.83
N THR D 81 25.45 16.92 4.57
CA THR D 81 25.59 16.10 5.76
C THR D 81 25.45 16.92 7.04
N THR D 82 24.75 18.05 6.98
CA THR D 82 24.62 18.91 8.15
C THR D 82 23.66 18.35 9.18
N THR D 83 22.88 17.33 8.83
CA THR D 83 21.85 16.78 9.69
C THR D 83 22.07 15.30 9.90
N ALA D 84 21.65 14.80 11.07
CA ALA D 84 21.73 13.38 11.37
C ALA D 84 20.40 12.67 11.11
N TYR D 85 19.31 13.42 11.08
CA TYR D 85 17.98 12.85 10.91
C TYR D 85 17.49 13.07 9.48
N LEU D 86 16.34 12.47 9.19
CA LEU D 86 15.63 12.75 7.96
C LEU D 86 14.59 13.82 8.22
N VAL D 87 14.69 14.94 7.52
CA VAL D 87 13.80 16.07 7.78
C VAL D 87 12.40 15.72 7.27
N PRO D 88 11.37 15.80 8.11
CA PRO D 88 10.03 15.46 7.63
C PRO D 88 9.52 16.46 6.61
N LYS D 89 8.58 16.00 5.78
CA LYS D 89 7.92 16.88 4.85
C LYS D 89 6.94 17.78 5.59
N SER D 90 6.60 18.90 4.97
CA SER D 90 5.70 19.89 5.56
C SER D 90 4.31 19.76 4.97
N GLY D 91 3.32 20.23 5.71
CA GLY D 91 1.95 20.06 5.29
C GLY D 91 0.99 20.70 6.27
N ASP D 92 -0.29 20.43 6.04
CA ASP D 92 -1.33 21.01 6.89
C ASP D 92 -1.22 20.52 8.32
N THR D 93 -0.83 19.27 8.53
CA THR D 93 -0.81 18.65 9.85
C THR D 93 0.58 18.19 10.28
N ALA D 94 1.64 18.73 9.70
CA ALA D 94 2.98 18.28 10.05
C ALA D 94 3.36 18.75 11.45
N ALA D 95 4.28 18.02 12.07
CA ALA D 95 4.80 18.38 13.38
C ALA D 95 6.22 18.94 13.26
N THR D 96 6.47 20.05 13.94
CA THR D 96 7.78 20.69 13.93
C THR D 96 8.63 20.21 15.08
N GLY D 97 9.95 20.37 14.93
CA GLY D 97 10.88 20.02 15.97
C GLY D 97 11.14 18.54 16.12
N VAL D 98 10.90 17.75 15.09
CA VAL D 98 11.01 16.30 15.14
C VAL D 98 11.74 15.82 13.90
N GLY D 99 12.38 14.65 14.00
CA GLY D 99 13.03 14.03 12.87
C GLY D 99 13.06 12.52 13.03
N VAL D 100 13.40 11.83 11.95
CA VAL D 100 13.42 10.37 11.93
C VAL D 100 14.87 9.90 11.85
N PHE D 101 15.36 9.29 12.92
CA PHE D 101 16.73 8.79 12.99
C PHE D 101 16.76 7.32 12.57
N VAL D 102 17.72 6.98 11.72
CA VAL D 102 17.89 5.61 11.22
C VAL D 102 19.17 5.05 11.82
N GLU D 103 19.21 3.73 12.02
CA GLU D 103 20.35 3.09 12.67
C GLU D 103 20.49 1.67 12.18
N THR D 104 21.67 1.10 12.42
CA THR D 104 21.90 -0.31 12.19
C THR D 104 21.18 -1.13 13.27
N SER D 105 20.92 -2.41 12.96
CA SER D 105 20.15 -3.25 13.86
C SER D 105 20.78 -3.33 15.25
N LYS D 106 22.08 -3.12 15.37
CA LYS D 106 22.76 -3.19 16.65
C LYS D 106 22.93 -1.82 17.32
N GLY D 107 22.39 -0.75 16.75
CA GLY D 107 22.46 0.56 17.35
C GLY D 107 23.53 1.48 16.80
N THR D 108 24.25 1.07 15.76
CA THR D 108 25.25 1.95 15.17
C THR D 108 24.55 2.98 14.28
N PRO D 109 24.71 4.28 14.54
CA PRO D 109 24.01 5.27 13.73
C PRO D 109 24.40 5.19 12.26
N VAL D 110 23.41 5.40 11.39
CA VAL D 110 23.63 5.42 9.95
C VAL D 110 23.63 6.88 9.52
N ASN D 111 24.81 7.40 9.17
CA ASN D 111 24.92 8.78 8.74
C ASN D 111 24.38 8.93 7.32
N ILE D 112 24.04 10.17 6.96
CA ILE D 112 23.41 10.41 5.67
C ILE D 112 24.48 10.63 4.61
N GLY D 113 24.48 9.78 3.58
CA GLY D 113 25.37 9.94 2.45
C GLY D 113 26.73 9.28 2.58
N SER D 114 27.01 8.58 3.67
CA SER D 114 28.31 7.96 3.92
C SER D 114 28.21 6.47 3.67
N ASP D 115 29.06 5.95 2.78
CA ASP D 115 28.95 4.56 2.35
C ASP D 115 29.11 3.59 3.51
N GLN D 116 28.20 2.62 3.59
CA GLN D 116 28.35 1.46 4.46
C GLN D 116 28.77 0.26 3.63
N LYS D 117 29.19 -0.80 4.33
CA LYS D 117 29.56 -2.05 3.69
C LYS D 117 28.65 -3.17 4.17
N LEU D 118 28.26 -4.02 3.24
CA LEU D 118 27.43 -5.19 3.53
C LEU D 118 28.24 -6.45 3.24
N ASP D 119 28.28 -7.36 4.20
CA ASP D 119 29.04 -8.59 4.02
C ASP D 119 28.20 -9.59 3.21
N VAL D 120 28.81 -10.15 2.16
CA VAL D 120 28.08 -11.09 1.33
C VAL D 120 28.14 -12.48 1.96
N VAL D 121 27.00 -13.15 2.00
CA VAL D 121 26.91 -14.53 2.45
C VAL D 121 27.26 -15.44 1.30
N ALA D 122 28.25 -16.31 1.51
CA ALA D 122 28.78 -17.15 0.45
C ALA D 122 28.77 -18.60 0.88
N ASN D 123 28.72 -19.49 -0.09
CA ASN D 123 28.83 -20.93 0.14
C ASN D 123 29.87 -21.49 -0.81
N LYS D 124 31.12 -21.60 -0.35
CA LYS D 124 32.22 -22.13 -1.14
C LYS D 124 32.64 -21.14 -2.23
N GLY D 125 32.64 -19.86 -1.87
CA GLY D 125 33.11 -18.82 -2.76
C GLY D 125 32.05 -18.25 -3.69
N ASN D 126 30.84 -18.81 -3.68
CA ASN D 126 29.75 -18.31 -4.51
C ASN D 126 28.73 -17.60 -3.63
N ALA D 127 28.39 -16.37 -4.00
CA ALA D 127 27.43 -15.61 -3.21
C ALA D 127 26.06 -16.24 -3.30
N LEU D 128 25.36 -16.26 -2.18
CA LEU D 128 23.98 -16.74 -2.17
C LEU D 128 23.09 -15.73 -2.89
N SER D 129 21.96 -16.21 -3.39
CA SER D 129 21.08 -15.34 -4.16
C SER D 129 20.52 -14.21 -3.30
N GLU D 130 20.05 -14.52 -2.10
CA GLU D 130 19.35 -13.55 -1.26
C GLU D 130 20.27 -13.04 -0.16
N GLN D 131 20.25 -11.73 0.05
CA GLN D 131 21.08 -11.07 1.05
C GLN D 131 20.32 -9.87 1.60
N VAL D 132 20.39 -9.68 2.92
CA VAL D 132 19.43 -8.84 3.63
C VAL D 132 20.17 -7.74 4.37
N ILE D 133 19.61 -6.53 4.32
CA ILE D 133 20.14 -5.37 5.05
C ILE D 133 19.21 -5.09 6.22
N PRO D 134 19.64 -5.30 7.46
CA PRO D 134 18.76 -5.02 8.60
C PRO D 134 18.98 -3.63 9.16
N LEU D 135 17.91 -2.98 9.64
CA LEU D 135 18.01 -1.58 10.06
C LEU D 135 17.03 -1.32 11.21
N ARG D 136 17.09 -0.09 11.72
CA ARG D 136 16.20 0.39 12.77
C ARG D 136 15.71 1.78 12.38
N ALA D 137 14.82 2.34 13.20
CA ALA D 137 14.33 3.69 12.97
C ALA D 137 13.48 4.12 14.15
N TYR D 138 13.54 5.41 14.49
CA TYR D 138 12.71 5.94 15.55
C TYR D 138 12.57 7.44 15.38
N ILE D 139 11.44 7.97 15.85
CA ILE D 139 11.15 9.39 15.79
C ILE D 139 11.70 10.05 17.06
N GLY D 140 12.53 11.07 16.89
CA GLY D 140 13.15 11.72 18.02
C GLY D 140 13.21 13.21 17.84
N THR D 141 13.43 13.90 18.95
CA THR D 141 13.56 15.35 18.93
C THR D 141 14.85 15.74 18.21
N GLN D 142 14.82 16.89 17.52
CA GLN D 142 15.98 17.29 16.74
C GLN D 142 17.20 17.54 17.61
N THR D 143 17.03 18.14 18.79
CA THR D 143 18.14 18.41 19.68
C THR D 143 18.66 17.15 20.38
N ARG D 144 17.98 16.02 20.23
CA ARG D 144 18.42 14.76 20.85
C ARG D 144 18.36 14.86 22.38
N ALA D 145 17.25 15.39 22.88
CA ALA D 145 17.03 15.50 24.31
C ALA D 145 15.54 15.67 24.55
N ALA D 146 15.14 15.57 25.81
CA ALA D 146 13.72 15.70 26.13
C ALA D 146 13.21 17.09 25.77
N GLY D 147 11.93 17.17 25.46
CA GLY D 147 11.32 18.45 25.11
C GLY D 147 9.82 18.42 25.11
N ALA D 148 9.19 19.39 25.78
CA ALA D 148 7.75 19.37 25.93
C ALA D 148 7.06 19.98 24.72
N ILE D 149 5.82 19.56 24.51
CA ILE D 149 5.01 20.11 23.42
C ILE D 149 4.67 21.55 23.76
N GLY D 150 5.10 22.46 22.89
CA GLY D 150 4.89 23.87 23.08
C GLY D 150 6.20 24.64 22.99
N THR D 151 7.16 24.28 23.84
CA THR D 151 8.47 24.94 23.84
C THR D 151 9.30 24.76 22.57
N ASP D 152 9.31 23.54 22.03
CA ASP D 152 10.10 23.26 20.82
C ASP D 152 9.42 22.31 19.85
N VAL D 153 8.64 21.37 20.39
CA VAL D 153 7.89 20.44 19.55
C VAL D 153 6.44 20.87 19.49
N THR D 154 5.76 20.47 18.42
CA THR D 154 4.32 20.65 18.29
C THR D 154 3.71 19.37 17.76
N ALA D 155 2.48 19.09 18.19
CA ALA D 155 1.84 17.83 17.83
C ALA D 155 1.42 17.83 16.37
N GLY D 156 1.47 16.66 15.75
CA GLY D 156 1.10 16.51 14.37
C GLY D 156 1.62 15.21 13.80
N THR D 157 1.62 15.14 12.49
CA THR D 157 2.07 13.95 11.78
C THR D 157 3.52 14.09 11.35
N VAL D 158 4.23 12.97 11.28
CA VAL D 158 5.62 12.91 10.84
C VAL D 158 5.66 12.04 9.61
N ASP D 159 6.14 12.59 8.50
CA ASP D 159 6.37 11.84 7.27
C ASP D 159 7.74 12.17 6.73
N ALA D 160 8.58 11.15 6.57
CA ALA D 160 9.92 11.31 6.04
C ALA D 160 10.14 10.26 4.96
N THR D 161 11.01 10.58 4.01
CA THR D 161 11.32 9.68 2.91
C THR D 161 12.82 9.65 2.70
N GLY D 162 13.42 8.47 2.85
CA GLY D 162 14.82 8.27 2.55
C GLY D 162 14.98 7.26 1.44
N VAL D 163 16.13 7.30 0.79
CA VAL D 163 16.41 6.47 -0.38
C VAL D 163 17.70 5.71 -0.13
N LEU D 164 17.68 4.40 -0.35
CA LEU D 164 18.86 3.57 -0.26
C LEU D 164 19.37 3.23 -1.65
N THR D 165 20.61 3.58 -1.93
CA THR D 165 21.26 3.22 -3.19
C THR D 165 22.22 2.07 -2.94
N ILE D 166 21.95 0.93 -3.54
CA ILE D 166 22.68 -0.31 -3.29
C ILE D 166 23.57 -0.59 -4.49
N ARG D 167 24.86 -0.82 -4.24
CA ARG D 167 25.85 -1.00 -5.29
C ARG D 167 26.56 -2.33 -5.09
N ALA D 168 26.20 -3.33 -5.88
CA ALA D 168 26.84 -4.64 -5.86
C ALA D 168 27.77 -4.76 -7.04
N ALA D 169 29.03 -5.08 -6.76
CA ALA D 169 30.05 -5.14 -7.79
C ALA D 169 31.00 -6.28 -7.52
N ASP D 170 31.86 -6.56 -8.49
CA ASP D 170 32.89 -7.59 -8.37
C ASP D 170 34.25 -6.90 -8.33
N ALA D 171 34.93 -7.01 -7.18
CA ALA D 171 36.21 -6.32 -7.03
C ALA D 171 37.21 -6.80 -8.06
N THR D 172 37.30 -8.12 -8.27
CA THR D 172 38.10 -8.69 -9.34
C THR D 172 38.02 -10.20 -9.22
N ALA E 1 -21.95 47.96 -2.03
CA ALA E 1 -20.56 47.68 -2.47
C ALA E 1 -20.46 46.26 -2.99
N PRO E 2 -19.53 46.02 -3.92
CA PRO E 2 -19.45 44.69 -4.54
C PRO E 2 -19.15 43.61 -3.50
N ALA E 3 -19.67 42.42 -3.74
CA ALA E 3 -19.50 41.32 -2.81
C ALA E 3 -18.03 40.97 -2.66
N ALA E 4 -17.68 40.41 -1.50
CA ALA E 4 -16.31 40.00 -1.24
C ALA E 4 -16.05 38.60 -1.75
N ASN E 5 -14.85 38.39 -2.28
CA ASN E 5 -14.42 37.08 -2.77
C ASN E 5 -13.78 36.26 -1.66
N ASP E 6 -14.59 35.82 -0.69
CA ASP E 6 -14.08 35.13 0.48
C ASP E 6 -14.72 33.77 0.71
N SER E 7 -15.00 33.03 -0.36
CA SER E 7 -15.58 31.70 -0.20
C SER E 7 -14.51 30.62 -0.15
N SER E 8 -14.81 29.54 0.55
CA SER E 8 -13.94 28.36 0.62
C SER E 8 -14.55 27.26 -0.23
N GLN E 9 -13.78 26.74 -1.18
CA GLN E 9 -14.31 25.90 -2.24
C GLN E 9 -13.55 24.59 -2.31
N ALA E 10 -14.25 23.53 -2.70
CA ALA E 10 -13.66 22.27 -3.10
C ALA E 10 -14.25 21.87 -4.44
N THR E 11 -13.41 21.37 -5.33
CA THR E 11 -13.79 21.05 -6.70
C THR E 11 -13.88 19.53 -6.85
N LEU E 12 -15.00 19.05 -7.37
CA LEU E 12 -15.28 17.63 -7.48
C LEU E 12 -15.42 17.29 -8.96
N ASN E 13 -14.41 16.63 -9.52
CA ASN E 13 -14.41 16.26 -10.93
C ASN E 13 -14.77 14.79 -11.05
N PHE E 14 -16.03 14.52 -11.39
CA PHE E 14 -16.48 13.16 -11.60
C PHE E 14 -16.19 12.75 -13.02
N SER E 15 -15.99 11.45 -13.24
CA SER E 15 -15.70 10.91 -14.57
C SER E 15 -16.21 9.48 -14.66
N GLY E 16 -16.43 9.03 -15.88
CA GLY E 16 -17.01 7.72 -16.08
C GLY E 16 -17.13 7.37 -17.55
N ARG E 17 -18.05 6.47 -17.86
CA ARG E 17 -18.35 6.09 -19.22
C ARG E 17 -19.75 5.51 -19.30
N VAL E 18 -20.20 5.30 -20.53
CA VAL E 18 -21.34 4.46 -20.83
C VAL E 18 -20.95 3.56 -22.00
N THR E 19 -20.86 2.27 -21.75
CA THR E 19 -20.31 1.33 -22.72
C THR E 19 -21.43 0.52 -23.33
N SER E 20 -21.06 -0.33 -24.29
CA SER E 20 -21.97 -1.30 -24.89
C SER E 20 -21.70 -2.72 -24.43
N SER E 21 -20.67 -2.93 -23.61
CA SER E 21 -20.37 -4.25 -23.08
C SER E 21 -21.42 -4.65 -22.06
N LEU E 22 -21.48 -5.94 -21.77
CA LEU E 22 -22.37 -6.47 -20.75
C LEU E 22 -21.70 -6.57 -19.38
N CYS E 23 -20.38 -6.44 -19.30
CA CYS E 23 -19.64 -6.60 -18.06
C CYS E 23 -18.90 -5.31 -17.73
N GLN E 24 -18.93 -4.92 -16.46
CA GLN E 24 -18.10 -3.81 -16.01
C GLN E 24 -16.65 -4.23 -15.92
N VAL E 25 -15.77 -3.24 -15.82
CA VAL E 25 -14.43 -3.48 -15.31
C VAL E 25 -14.35 -2.90 -13.91
N LYS E 26 -13.86 -3.68 -12.96
CA LYS E 26 -13.88 -3.26 -11.57
C LYS E 26 -13.28 -1.87 -11.45
N THR E 27 -13.97 -0.99 -10.71
CA THR E 27 -13.62 0.42 -10.71
C THR E 27 -12.18 0.65 -10.28
N ASP E 28 -11.61 -0.29 -9.52
CA ASP E 28 -10.22 -0.18 -9.11
C ASP E 28 -9.26 -0.65 -10.19
N ASP E 29 -9.75 -1.28 -11.27
CA ASP E 29 -8.90 -1.80 -12.32
C ASP E 29 -8.97 -0.99 -13.61
N LEU E 30 -9.66 0.15 -13.61
CA LEU E 30 -9.68 0.98 -14.81
C LEU E 30 -8.33 1.61 -15.08
N VAL E 31 -7.47 1.69 -14.07
CA VAL E 31 -6.09 2.14 -14.24
C VAL E 31 -5.18 1.29 -13.39
N LYS E 32 -4.45 0.37 -14.00
CA LYS E 32 -3.53 -0.48 -13.27
C LYS E 32 -2.15 0.16 -13.21
N ASN E 33 -1.40 -0.19 -12.17
CA ASN E 33 0.01 0.18 -12.05
C ASN E 33 0.79 -1.08 -11.68
N ILE E 34 1.29 -1.78 -12.69
CA ILE E 34 2.05 -3.00 -12.50
C ILE E 34 3.51 -2.62 -12.42
N SER E 35 4.16 -2.97 -11.32
CA SER E 35 5.54 -2.57 -11.06
C SER E 35 6.44 -3.76 -11.35
N LEU E 36 6.90 -3.87 -12.59
CA LEU E 36 7.88 -4.89 -12.90
C LEU E 36 9.17 -4.61 -12.14
N GLY E 37 10.11 -5.52 -12.25
CA GLY E 37 11.29 -5.50 -11.42
C GLY E 37 12.38 -4.60 -11.96
N GLU E 38 13.62 -4.98 -11.66
CA GLU E 38 14.80 -4.34 -12.22
C GLU E 38 15.55 -5.36 -13.05
N VAL E 39 15.96 -4.97 -14.25
CA VAL E 39 16.75 -5.86 -15.11
C VAL E 39 18.21 -5.63 -14.73
N SER E 40 18.67 -6.28 -13.67
CA SER E 40 20.03 -6.06 -13.21
C SER E 40 21.02 -6.49 -14.27
N LYS E 41 22.29 -6.13 -14.05
CA LYS E 41 23.33 -6.45 -15.03
C LYS E 41 23.50 -7.95 -15.18
N SER E 42 23.39 -8.69 -14.07
CA SER E 42 23.54 -10.14 -14.14
C SER E 42 22.46 -10.78 -15.00
N ALA E 43 21.19 -10.45 -14.71
CA ALA E 43 20.11 -11.00 -15.50
C ALA E 43 20.12 -10.44 -16.92
N LEU E 44 20.61 -9.22 -17.09
CA LEU E 44 20.70 -8.66 -18.44
C LEU E 44 21.69 -9.44 -19.30
N GLU E 45 22.85 -9.76 -18.74
CA GLU E 45 23.87 -10.47 -19.51
C GLU E 45 23.62 -11.97 -19.58
N ALA E 46 22.81 -12.52 -18.67
CA ALA E 46 22.60 -13.97 -18.66
C ALA E 46 21.57 -14.38 -19.71
N THR E 47 20.36 -13.84 -19.61
CA THR E 47 19.30 -14.17 -20.54
C THR E 47 18.56 -12.95 -21.08
N GLY E 48 18.92 -11.75 -20.66
CA GLY E 48 18.23 -10.57 -21.15
C GLY E 48 16.77 -10.49 -20.78
N LYS E 49 16.44 -10.73 -19.52
CA LYS E 49 15.08 -10.70 -19.05
C LYS E 49 15.07 -10.44 -17.56
N SER E 50 13.91 -10.06 -17.04
CA SER E 50 13.67 -10.08 -15.61
C SER E 50 12.65 -11.16 -15.28
N PRO E 51 12.55 -11.59 -14.03
CA PRO E 51 11.50 -12.53 -13.66
C PRO E 51 10.13 -11.96 -13.98
N ALA E 52 9.23 -12.84 -14.41
CA ALA E 52 7.91 -12.43 -14.86
C ALA E 52 6.98 -12.25 -13.67
N GLN E 53 6.27 -11.12 -13.64
CA GLN E 53 5.34 -10.80 -12.57
C GLN E 53 3.92 -11.04 -13.03
N SER E 54 3.03 -11.30 -12.07
CA SER E 54 1.64 -11.60 -12.39
C SER E 54 0.72 -10.45 -12.00
N PHE E 55 -0.38 -10.32 -12.74
CA PHE E 55 -1.38 -9.31 -12.47
C PHE E 55 -2.70 -9.76 -13.05
N GLN E 56 -3.77 -9.07 -12.67
CA GLN E 56 -5.13 -9.45 -13.02
C GLN E 56 -5.92 -8.23 -13.46
N VAL E 57 -7.00 -8.49 -14.21
CA VAL E 57 -8.00 -7.48 -14.53
C VAL E 57 -9.36 -8.10 -14.28
N ASN E 58 -10.08 -7.60 -13.28
CA ASN E 58 -11.31 -8.22 -12.80
C ASN E 58 -12.52 -7.56 -13.44
N LEU E 59 -13.40 -8.38 -14.01
CA LEU E 59 -14.72 -7.93 -14.41
C LEU E 59 -15.69 -8.23 -13.28
N ILE E 60 -16.75 -7.42 -13.18
CA ILE E 60 -17.70 -7.53 -12.09
C ILE E 60 -19.08 -7.15 -12.61
N ASN E 61 -20.11 -7.63 -11.91
CA ASN E 61 -21.50 -7.36 -12.27
C ASN E 61 -21.83 -7.78 -13.69
N CYS E 62 -21.26 -8.90 -14.14
CA CYS E 62 -21.56 -9.39 -15.47
C CYS E 62 -23.03 -9.80 -15.57
N ASP E 63 -23.56 -9.73 -16.79
CA ASP E 63 -24.94 -10.14 -17.02
C ASP E 63 -25.04 -11.66 -16.99
N SER E 64 -26.21 -12.16 -16.57
CA SER E 64 -26.38 -13.60 -16.44
C SER E 64 -26.28 -14.31 -17.78
N LEU E 65 -26.67 -13.66 -18.86
CA LEU E 65 -26.71 -14.29 -20.18
C LEU E 65 -25.40 -14.18 -20.94
N THR E 66 -24.37 -13.57 -20.36
CA THR E 66 -23.09 -13.43 -21.03
C THR E 66 -22.60 -14.78 -21.54
N ASP E 67 -22.43 -14.92 -22.85
CA ASP E 67 -21.97 -16.17 -23.45
C ASP E 67 -20.52 -16.13 -23.88
N ASP E 68 -20.03 -14.99 -24.38
CA ASP E 68 -18.68 -14.91 -24.92
C ASP E 68 -18.01 -13.63 -24.42
N ILE E 69 -16.79 -13.78 -23.93
CA ILE E 69 -15.95 -12.65 -23.54
C ILE E 69 -14.63 -12.78 -24.28
N SER E 70 -14.23 -11.72 -24.96
CA SER E 70 -12.93 -11.66 -25.62
C SER E 70 -12.29 -10.31 -25.33
N TYR E 71 -10.97 -10.27 -25.38
CA TYR E 71 -10.22 -9.06 -25.09
C TYR E 71 -9.08 -8.92 -26.09
N VAL E 72 -8.65 -7.68 -26.28
CA VAL E 72 -7.57 -7.35 -27.20
C VAL E 72 -6.57 -6.47 -26.48
N LEU E 73 -5.29 -6.77 -26.64
CA LEU E 73 -4.22 -5.94 -26.07
C LEU E 73 -3.74 -4.99 -27.16
N ALA E 74 -3.83 -3.69 -26.88
CA ALA E 74 -3.41 -2.66 -27.81
C ALA E 74 -2.33 -1.80 -27.17
N ASP E 75 -1.48 -1.20 -28.00
CA ASP E 75 -0.39 -0.40 -27.51
C ASP E 75 -0.73 1.08 -27.60
N ALA E 76 -0.24 1.86 -26.64
CA ALA E 76 -0.46 3.30 -26.65
C ALA E 76 0.68 4.07 -27.29
N ASN E 77 1.70 3.40 -27.81
CA ASN E 77 2.86 4.08 -28.36
C ASN E 77 3.41 3.42 -29.61
N ASN E 78 2.55 2.80 -30.43
CA ASN E 78 3.01 2.10 -31.61
C ASN E 78 1.80 1.66 -32.42
N ASN E 79 2.06 1.21 -33.66
CA ASN E 79 1.01 0.78 -34.56
C ASN E 79 1.42 -0.49 -35.28
N GLY E 80 0.42 -1.28 -35.67
CA GLY E 80 0.66 -2.48 -36.44
C GLY E 80 0.96 -3.67 -35.56
N THR E 81 1.21 -4.81 -36.23
CA THR E 81 1.53 -6.07 -35.59
C THR E 81 2.95 -6.52 -35.86
N THR E 82 3.85 -5.59 -36.17
CA THR E 82 5.21 -5.95 -36.53
C THR E 82 6.14 -6.02 -35.32
N THR E 83 5.64 -5.74 -34.12
CA THR E 83 6.42 -5.85 -32.89
C THR E 83 5.73 -6.78 -31.91
N ALA E 84 6.52 -7.45 -31.08
CA ALA E 84 6.02 -8.40 -30.10
C ALA E 84 5.83 -7.78 -28.73
N TYR E 85 6.49 -6.67 -28.46
CA TYR E 85 6.49 -6.06 -27.15
C TYR E 85 5.71 -4.76 -27.16
N LEU E 86 5.77 -4.06 -26.02
CA LEU E 86 5.25 -2.71 -25.93
C LEU E 86 6.41 -1.73 -25.88
N VAL E 87 6.40 -0.75 -26.78
CA VAL E 87 7.51 0.19 -26.88
C VAL E 87 7.46 1.15 -25.69
N PRO E 88 8.51 1.27 -24.90
CA PRO E 88 8.49 2.23 -23.79
C PRO E 88 8.40 3.66 -24.29
N LYS E 89 7.87 4.53 -23.43
CA LYS E 89 7.88 5.96 -23.70
C LYS E 89 9.30 6.49 -23.60
N SER E 90 9.52 7.67 -24.18
CA SER E 90 10.82 8.30 -24.16
C SER E 90 10.82 9.49 -23.20
N GLY E 91 11.97 9.77 -22.62
CA GLY E 91 12.06 10.84 -21.65
C GLY E 91 13.50 11.08 -21.25
N ASP E 92 13.67 11.89 -20.19
CA ASP E 92 15.02 12.26 -19.78
C ASP E 92 15.82 11.04 -19.32
N THR E 93 15.15 10.04 -18.75
CA THR E 93 15.83 8.91 -18.13
C THR E 93 15.42 7.58 -18.73
N ALA E 94 14.80 7.57 -19.89
CA ALA E 94 14.35 6.31 -20.48
C ALA E 94 15.53 5.46 -20.92
N ALA E 95 15.39 4.15 -20.72
CA ALA E 95 16.39 3.20 -21.19
C ALA E 95 16.04 2.75 -22.59
N THR E 96 17.06 2.53 -23.41
CA THR E 96 16.87 2.19 -24.80
C THR E 96 17.17 0.71 -25.05
N GLY E 97 16.49 0.15 -26.03
CA GLY E 97 16.75 -1.21 -26.45
C GLY E 97 16.07 -2.28 -25.63
N VAL E 98 15.14 -1.92 -24.76
CA VAL E 98 14.39 -2.87 -23.96
C VAL E 98 12.91 -2.60 -24.15
N GLY E 99 12.09 -3.65 -24.00
CA GLY E 99 10.66 -3.53 -24.13
C GLY E 99 9.98 -4.38 -23.08
N VAL E 100 8.66 -4.26 -23.02
CA VAL E 100 7.84 -5.02 -22.09
C VAL E 100 7.08 -6.08 -22.86
N PHE E 101 7.16 -7.33 -22.41
CA PHE E 101 6.44 -8.44 -23.01
C PHE E 101 5.34 -8.89 -22.06
N VAL E 102 4.19 -9.25 -22.61
CA VAL E 102 3.02 -9.66 -21.83
C VAL E 102 2.63 -11.06 -22.27
N GLU E 103 2.22 -11.89 -21.31
CA GLU E 103 1.95 -13.30 -21.58
C GLU E 103 0.74 -13.74 -20.79
N THR E 104 0.09 -14.79 -21.30
CA THR E 104 -0.95 -15.45 -20.52
C THR E 104 -0.32 -16.15 -19.32
N SER E 105 -1.13 -16.40 -18.29
CA SER E 105 -0.58 -16.88 -17.03
C SER E 105 0.24 -18.16 -17.18
N LYS E 106 -0.02 -18.95 -18.21
CA LYS E 106 0.72 -20.18 -18.44
C LYS E 106 1.95 -19.99 -19.33
N GLY E 107 2.10 -18.82 -19.96
CA GLY E 107 3.23 -18.55 -20.81
C GLY E 107 2.93 -18.44 -22.30
N THR E 108 1.67 -18.46 -22.68
CA THR E 108 1.33 -18.29 -24.09
C THR E 108 1.43 -16.80 -24.45
N PRO E 109 2.25 -16.43 -25.43
CA PRO E 109 2.41 -15.01 -25.74
C PRO E 109 1.10 -14.34 -26.11
N VAL E 110 0.92 -13.12 -25.63
CA VAL E 110 -0.24 -12.31 -25.98
C VAL E 110 0.22 -11.35 -27.08
N ASN E 111 -0.30 -11.55 -28.28
CA ASN E 111 0.07 -10.70 -29.40
C ASN E 111 -0.73 -9.40 -29.37
N ILE E 112 -0.17 -8.37 -29.99
CA ILE E 112 -0.81 -7.06 -29.99
C ILE E 112 -1.85 -7.01 -31.10
N GLY E 113 -3.10 -6.78 -30.73
CA GLY E 113 -4.16 -6.60 -31.69
C GLY E 113 -4.83 -7.86 -32.19
N SER E 114 -4.58 -9.01 -31.57
CA SER E 114 -5.20 -10.28 -31.96
C SER E 114 -6.14 -10.71 -30.84
N ASP E 115 -7.37 -11.07 -31.22
CA ASP E 115 -8.38 -11.39 -30.22
C ASP E 115 -8.01 -12.66 -29.45
N GLN E 116 -8.10 -12.57 -28.12
CA GLN E 116 -8.07 -13.73 -27.25
C GLN E 116 -9.47 -14.06 -26.79
N LYS E 117 -9.66 -15.28 -26.33
CA LYS E 117 -10.95 -15.74 -25.83
C LYS E 117 -10.85 -16.01 -24.34
N LEU E 118 -11.87 -15.60 -23.61
CA LEU E 118 -11.97 -15.84 -22.18
C LEU E 118 -13.14 -16.78 -21.92
N ASP E 119 -12.87 -17.87 -21.23
CA ASP E 119 -13.92 -18.82 -20.89
C ASP E 119 -14.76 -18.26 -19.75
N VAL E 120 -16.08 -18.21 -19.93
CA VAL E 120 -16.96 -17.70 -18.88
C VAL E 120 -17.23 -18.80 -17.87
N VAL E 121 -17.04 -18.48 -16.59
CA VAL E 121 -17.39 -19.38 -15.51
C VAL E 121 -18.87 -19.22 -15.24
N ALA E 122 -19.60 -20.34 -15.20
CA ALA E 122 -21.05 -20.32 -15.12
C ALA E 122 -21.51 -21.17 -13.94
N ASN E 123 -22.78 -20.98 -13.59
CA ASN E 123 -23.45 -21.81 -12.59
C ASN E 123 -24.81 -22.20 -13.12
N LYS E 124 -24.91 -23.38 -13.73
CA LYS E 124 -26.19 -23.88 -14.24
C LYS E 124 -26.71 -23.02 -15.38
N GLY E 125 -25.80 -22.60 -16.27
CA GLY E 125 -26.17 -21.85 -17.45
C GLY E 125 -26.21 -20.35 -17.29
N ASN E 126 -26.08 -19.84 -16.07
CA ASN E 126 -26.05 -18.40 -15.82
C ASN E 126 -24.66 -17.99 -15.36
N ALA E 127 -24.06 -17.07 -16.09
CA ALA E 127 -22.68 -16.67 -15.79
C ALA E 127 -22.61 -16.03 -14.41
N LEU E 128 -21.53 -16.31 -13.69
CA LEU E 128 -21.29 -15.63 -12.43
C LEU E 128 -21.17 -14.14 -12.67
N SER E 129 -21.20 -13.37 -11.57
CA SER E 129 -21.00 -11.93 -11.73
C SER E 129 -19.55 -11.59 -12.00
N GLU E 130 -18.62 -12.22 -11.28
CA GLU E 130 -17.22 -11.86 -11.34
C GLU E 130 -16.45 -12.84 -12.21
N GLN E 131 -15.61 -12.30 -13.10
CA GLN E 131 -14.76 -13.10 -13.95
C GLN E 131 -13.43 -12.39 -14.10
N VAL E 132 -12.36 -13.16 -14.27
CA VAL E 132 -11.00 -12.67 -14.08
C VAL E 132 -10.17 -12.99 -15.31
N ILE E 133 -9.27 -12.09 -15.67
CA ILE E 133 -8.31 -12.28 -16.76
C ILE E 133 -6.92 -12.32 -16.14
N PRO E 134 -6.27 -13.49 -16.05
CA PRO E 134 -4.93 -13.54 -15.49
C PRO E 134 -3.87 -13.38 -16.56
N LEU E 135 -2.83 -12.58 -16.28
CA LEU E 135 -1.80 -12.27 -17.27
C LEU E 135 -0.46 -12.29 -16.58
N ARG E 136 0.59 -11.96 -17.34
CA ARG E 136 1.95 -11.94 -16.84
C ARG E 136 2.79 -11.04 -17.73
N ALA E 137 3.85 -10.47 -17.17
CA ALA E 137 4.64 -9.50 -17.91
C ALA E 137 6.07 -9.47 -17.40
N TYR E 138 7.01 -9.21 -18.31
CA TYR E 138 8.41 -9.07 -17.94
C TYR E 138 9.09 -8.09 -18.87
N ILE E 139 10.20 -7.52 -18.42
CA ILE E 139 11.01 -6.61 -19.23
C ILE E 139 12.09 -7.43 -19.90
N GLY E 140 12.27 -7.21 -21.21
CA GLY E 140 13.24 -7.99 -21.95
C GLY E 140 13.93 -7.14 -23.00
N THR E 141 14.98 -7.71 -23.56
CA THR E 141 15.68 -7.07 -24.67
C THR E 141 14.87 -7.22 -25.95
N GLN E 142 14.96 -6.22 -26.83
CA GLN E 142 14.17 -6.26 -28.06
C GLN E 142 14.59 -7.42 -28.95
N THR E 143 15.88 -7.73 -29.02
CA THR E 143 16.36 -8.84 -29.82
C THR E 143 15.97 -10.19 -29.25
N ARG E 144 15.50 -10.23 -28.00
CA ARG E 144 15.12 -11.48 -27.34
C ARG E 144 16.34 -12.38 -27.15
N ALA E 145 17.46 -11.77 -26.77
CA ALA E 145 18.68 -12.52 -26.50
C ALA E 145 19.54 -11.68 -25.56
N ALA E 146 20.50 -12.34 -24.92
CA ALA E 146 21.38 -11.65 -24.00
C ALA E 146 22.01 -10.45 -24.69
N GLY E 147 22.37 -9.44 -23.89
CA GLY E 147 22.97 -8.24 -24.42
C GLY E 147 23.43 -7.31 -23.34
N ALA E 148 24.64 -6.77 -23.47
CA ALA E 148 25.25 -6.01 -22.41
C ALA E 148 24.93 -4.53 -22.54
N ILE E 149 25.12 -3.80 -21.44
CA ILE E 149 24.94 -2.35 -21.44
C ILE E 149 26.05 -1.72 -22.26
N GLY E 150 25.67 -0.91 -23.23
CA GLY E 150 26.63 -0.24 -24.10
C GLY E 150 26.43 -0.65 -25.54
N THR E 151 26.51 -1.94 -25.81
CA THR E 151 26.34 -2.47 -27.16
C THR E 151 24.95 -2.24 -27.76
N ASP E 152 23.90 -2.42 -26.96
CA ASP E 152 22.54 -2.24 -27.45
C ASP E 152 21.58 -1.67 -26.41
N VAL E 153 21.76 -2.09 -25.16
CA VAL E 153 20.92 -1.59 -24.08
C VAL E 153 21.64 -0.47 -23.36
N THR E 154 20.87 0.42 -22.73
CA THR E 154 21.41 1.47 -21.88
C THR E 154 20.58 1.57 -20.61
N ALA E 155 21.21 2.01 -19.53
CA ALA E 155 20.54 2.07 -18.25
C ALA E 155 19.57 3.25 -18.18
N GLY E 156 18.48 3.05 -17.45
CA GLY E 156 17.46 4.07 -17.32
C GLY E 156 16.17 3.48 -16.81
N THR E 157 15.14 4.30 -16.84
CA THR E 157 13.81 3.88 -16.43
C THR E 157 13.02 3.36 -17.63
N VAL E 158 12.07 2.48 -17.37
CA VAL E 158 11.24 1.87 -18.41
C VAL E 158 9.79 2.11 -18.03
N ASP E 159 9.04 2.79 -18.88
CA ASP E 159 7.62 3.00 -18.71
C ASP E 159 6.89 2.65 -20.00
N ALA E 160 5.91 1.78 -19.92
CA ALA E 160 5.13 1.35 -21.07
C ALA E 160 3.66 1.39 -20.70
N THR E 161 2.80 1.55 -21.70
CA THR E 161 1.37 1.65 -21.48
C THR E 161 0.65 0.82 -22.53
N GLY E 162 -0.13 -0.15 -22.08
CA GLY E 162 -1.02 -0.89 -22.94
C GLY E 162 -2.45 -0.59 -22.57
N VAL E 163 -3.38 -1.14 -23.34
CA VAL E 163 -4.80 -0.91 -23.11
C VAL E 163 -5.56 -2.16 -23.53
N LEU E 164 -6.35 -2.71 -22.62
CA LEU E 164 -7.17 -3.89 -22.89
C LEU E 164 -8.57 -3.44 -23.25
N THR E 165 -9.07 -3.90 -24.39
CA THR E 165 -10.44 -3.66 -24.81
C THR E 165 -11.23 -4.95 -24.65
N ILE E 166 -12.25 -4.92 -23.81
CA ILE E 166 -12.98 -6.12 -23.39
C ILE E 166 -14.38 -6.06 -23.98
N ARG E 167 -14.81 -7.17 -24.58
CA ARG E 167 -16.07 -7.23 -25.31
C ARG E 167 -16.87 -8.42 -24.82
N ALA E 168 -17.66 -8.21 -23.77
CA ALA E 168 -18.55 -9.24 -23.26
C ALA E 168 -19.90 -9.11 -23.94
N ALA E 169 -20.29 -10.13 -24.69
CA ALA E 169 -21.52 -10.10 -25.46
C ALA E 169 -22.24 -11.42 -25.32
N ASP E 170 -23.52 -11.42 -25.69
CA ASP E 170 -24.36 -12.61 -25.69
C ASP E 170 -24.53 -13.08 -27.12
N ALA E 171 -23.92 -14.22 -27.45
CA ALA E 171 -23.96 -14.70 -28.83
C ALA E 171 -25.39 -14.88 -29.31
N THR E 172 -26.22 -15.60 -28.55
CA THR E 172 -27.62 -15.78 -28.91
C THR E 172 -28.37 -16.37 -27.73
N ALA F 1 29.82 43.87 -25.27
CA ALA F 1 28.86 43.14 -26.15
C ALA F 1 27.63 42.73 -25.36
N PRO F 2 26.51 42.50 -26.04
CA PRO F 2 25.29 42.10 -25.34
C PRO F 2 25.48 40.77 -24.61
N ALA F 3 24.79 40.63 -23.49
CA ALA F 3 24.93 39.44 -22.66
C ALA F 3 24.34 38.23 -23.36
N ALA F 4 24.88 37.06 -23.05
CA ALA F 4 24.45 35.83 -23.68
C ALA F 4 23.16 35.32 -23.07
N ASN F 5 22.29 34.76 -23.92
CA ASN F 5 21.05 34.14 -23.49
C ASN F 5 21.24 32.65 -23.21
N ASP F 6 21.91 32.33 -22.10
CA ASP F 6 22.29 30.96 -21.78
C ASP F 6 21.94 30.56 -20.37
N SER F 7 20.87 31.11 -19.80
CA SER F 7 20.49 30.76 -18.44
C SER F 7 19.57 29.55 -18.40
N SER F 8 19.58 28.85 -17.27
CA SER F 8 18.71 27.71 -17.04
C SER F 8 17.69 28.07 -15.95
N GLN F 9 16.42 27.90 -16.27
CA GLN F 9 15.34 28.45 -15.46
C GLN F 9 14.35 27.36 -15.09
N ALA F 10 13.70 27.54 -13.94
CA ALA F 10 12.50 26.79 -13.59
C ALA F 10 11.47 27.78 -13.07
N THR F 11 10.23 27.62 -13.50
CA THR F 11 9.16 28.57 -13.20
C THR F 11 8.26 27.96 -12.12
N LEU F 12 8.08 28.70 -11.04
CA LEU F 12 7.34 28.22 -9.87
C LEU F 12 6.08 29.07 -9.72
N ASN F 13 4.95 28.52 -10.13
CA ASN F 13 3.67 29.22 -10.05
C ASN F 13 2.96 28.81 -8.76
N PHE F 14 3.00 29.67 -7.77
CA PHE F 14 2.31 29.41 -6.50
C PHE F 14 0.87 29.91 -6.60
N SER F 15 0.00 29.33 -5.78
CA SER F 15 -1.39 29.77 -5.73
C SER F 15 -1.98 29.46 -4.37
N GLY F 16 -3.08 30.12 -4.05
CA GLY F 16 -3.71 29.94 -2.77
C GLY F 16 -5.00 30.72 -2.68
N ARG F 17 -5.39 31.06 -1.45
CA ARG F 17 -6.55 31.89 -1.21
C ARG F 17 -6.40 32.62 0.10
N VAL F 18 -7.36 33.48 0.39
CA VAL F 18 -7.59 34.01 1.72
C VAL F 18 -9.10 34.10 1.90
N THR F 19 -9.63 33.42 2.91
CA THR F 19 -11.07 33.28 3.07
C THR F 19 -11.48 33.76 4.44
N SER F 20 -12.79 33.89 4.63
CA SER F 20 -13.38 34.27 5.89
C SER F 20 -13.86 33.07 6.71
N SER F 21 -13.75 31.87 6.15
CA SER F 21 -14.13 30.66 6.87
C SER F 21 -13.18 30.42 8.02
N LEU F 22 -13.62 29.62 8.99
CA LEU F 22 -12.79 29.25 10.12
C LEU F 22 -12.09 27.91 9.93
N CYS F 23 -12.38 27.19 8.86
CA CYS F 23 -11.83 25.86 8.62
C CYS F 23 -11.18 25.81 7.25
N GLN F 24 -10.00 25.20 7.18
CA GLN F 24 -9.36 24.96 5.90
C GLN F 24 -10.00 23.76 5.22
N VAL F 25 -9.93 23.75 3.89
CA VAL F 25 -10.15 22.51 3.15
C VAL F 25 -8.78 21.89 2.87
N LYS F 26 -8.66 20.61 3.15
CA LYS F 26 -7.34 19.98 3.10
C LYS F 26 -6.71 20.21 1.74
N THR F 27 -5.42 20.55 1.74
CA THR F 27 -4.78 21.08 0.54
C THR F 27 -4.91 20.15 -0.65
N ASP F 28 -4.99 18.85 -0.41
CA ASP F 28 -5.14 17.91 -1.52
C ASP F 28 -6.60 17.63 -1.85
N ASP F 29 -7.55 18.19 -1.09
CA ASP F 29 -8.96 18.09 -1.41
C ASP F 29 -9.49 19.33 -2.12
N LEU F 30 -8.64 20.30 -2.43
CA LEU F 30 -9.10 21.47 -3.16
C LEU F 30 -9.44 21.12 -4.60
N VAL F 31 -8.89 20.02 -5.11
CA VAL F 31 -9.24 19.51 -6.43
C VAL F 31 -9.34 17.99 -6.35
N LYS F 32 -10.57 17.48 -6.29
CA LYS F 32 -10.79 16.05 -6.28
C LYS F 32 -10.87 15.51 -7.70
N ASN F 33 -10.65 14.20 -7.84
CA ASN F 33 -10.90 13.48 -9.09
C ASN F 33 -11.57 12.17 -8.74
N ILE F 34 -12.89 12.19 -8.63
CA ILE F 34 -13.66 11.01 -8.25
C ILE F 34 -13.96 10.23 -9.52
N SER F 35 -13.51 8.98 -9.56
CA SER F 35 -13.66 8.14 -10.74
C SER F 35 -14.81 7.19 -10.51
N LEU F 36 -15.95 7.50 -11.10
CA LEU F 36 -17.07 6.57 -11.10
C LEU F 36 -16.78 5.43 -12.06
N GLY F 37 -17.75 4.55 -12.22
CA GLY F 37 -17.53 3.30 -12.93
C GLY F 37 -17.83 3.39 -14.41
N GLU F 38 -18.42 2.31 -14.92
CA GLU F 38 -18.96 2.26 -16.28
C GLU F 38 -20.43 1.86 -16.18
N VAL F 39 -21.29 2.57 -16.89
CA VAL F 39 -22.70 2.21 -16.95
C VAL F 39 -22.84 1.21 -18.10
N SER F 40 -22.51 -0.05 -17.85
CA SER F 40 -22.53 -1.03 -18.91
C SER F 40 -23.94 -1.25 -19.42
N LYS F 41 -24.05 -1.96 -20.54
CA LYS F 41 -25.33 -2.14 -21.21
C LYS F 41 -26.32 -2.86 -20.30
N SER F 42 -25.89 -3.93 -19.65
CA SER F 42 -26.81 -4.70 -18.80
C SER F 42 -27.29 -3.87 -17.62
N ALA F 43 -26.38 -3.15 -16.96
CA ALA F 43 -26.78 -2.29 -15.86
C ALA F 43 -27.67 -1.15 -16.34
N LEU F 44 -27.38 -0.60 -17.51
CA LEU F 44 -28.19 0.48 -18.06
C LEU F 44 -29.62 0.02 -18.30
N GLU F 45 -29.78 -1.18 -18.88
CA GLU F 45 -31.11 -1.69 -19.19
C GLU F 45 -31.83 -2.30 -17.99
N ALA F 46 -31.10 -2.65 -16.92
CA ALA F 46 -31.73 -3.28 -15.77
C ALA F 46 -32.37 -2.26 -14.84
N THR F 47 -31.59 -1.27 -14.40
CA THR F 47 -32.12 -0.21 -13.57
C THR F 47 -31.63 1.18 -13.96
N GLY F 48 -30.79 1.30 -14.99
CA GLY F 48 -30.35 2.60 -15.45
C GLY F 48 -29.50 3.36 -14.47
N LYS F 49 -28.57 2.69 -13.79
CA LYS F 49 -27.67 3.32 -12.84
C LYS F 49 -26.37 2.54 -12.80
N SER F 50 -25.35 3.15 -12.23
CA SER F 50 -24.15 2.43 -11.85
C SER F 50 -24.09 2.34 -10.34
N PRO F 51 -23.34 1.38 -9.80
CA PRO F 51 -23.14 1.35 -8.35
C PRO F 51 -22.48 2.64 -7.88
N ALA F 52 -22.87 3.09 -6.70
CA ALA F 52 -22.45 4.39 -6.20
C ALA F 52 -21.12 4.27 -5.47
N GLN F 53 -20.23 5.22 -5.71
CA GLN F 53 -18.91 5.24 -5.09
C GLN F 53 -18.87 6.28 -3.99
N SER F 54 -18.22 5.94 -2.88
CA SER F 54 -18.12 6.85 -1.75
C SER F 54 -16.86 7.69 -1.84
N PHE F 55 -16.96 8.93 -1.35
CA PHE F 55 -15.83 9.83 -1.30
C PHE F 55 -16.06 10.83 -0.17
N GLN F 56 -15.00 11.52 0.21
CA GLN F 56 -15.04 12.46 1.33
C GLN F 56 -14.36 13.76 0.94
N VAL F 57 -14.72 14.82 1.64
CA VAL F 57 -14.02 16.10 1.59
C VAL F 57 -13.62 16.44 3.02
N ASN F 58 -12.31 16.51 3.28
CA ASN F 58 -11.78 16.65 4.62
C ASN F 58 -11.46 18.11 4.90
N LEU F 59 -12.00 18.64 5.99
CA LEU F 59 -11.55 19.91 6.54
C LEU F 59 -10.44 19.64 7.54
N ILE F 60 -9.68 20.67 7.88
CA ILE F 60 -8.52 20.50 8.74
C ILE F 60 -8.21 21.84 9.40
N ASN F 61 -7.55 21.77 10.56
CA ASN F 61 -7.17 22.96 11.32
C ASN F 61 -8.36 23.85 11.65
N CYS F 62 -9.49 23.26 11.99
CA CYS F 62 -10.67 24.04 12.36
C CYS F 62 -10.41 24.79 13.66
N ASP F 63 -11.03 25.96 13.78
CA ASP F 63 -10.90 26.73 15.00
C ASP F 63 -11.60 26.04 16.16
N SER F 64 -11.08 26.23 17.37
CA SER F 64 -11.63 25.57 18.54
C SER F 64 -13.07 26.01 18.79
N LEU F 65 -13.42 27.24 18.42
CA LEU F 65 -14.72 27.81 18.71
C LEU F 65 -15.72 27.60 17.58
N THR F 66 -15.37 26.85 16.55
CA THR F 66 -16.31 26.59 15.46
C THR F 66 -17.58 25.97 16.04
N ASP F 67 -18.73 26.47 15.63
CA ASP F 67 -19.99 26.03 16.19
C ASP F 67 -20.99 25.59 15.13
N ASP F 68 -20.99 26.23 13.96
CA ASP F 68 -21.91 25.89 12.89
C ASP F 68 -21.14 25.75 11.59
N ILE F 69 -21.34 24.62 10.91
CA ILE F 69 -20.67 24.33 9.65
C ILE F 69 -21.72 23.89 8.64
N SER F 70 -21.68 24.48 7.45
CA SER F 70 -22.63 24.19 6.40
C SER F 70 -21.89 24.07 5.07
N TYR F 71 -22.51 23.38 4.11
CA TYR F 71 -21.95 23.29 2.78
C TYR F 71 -23.05 23.26 1.74
N VAL F 72 -22.71 23.70 0.54
CA VAL F 72 -23.65 23.79 -0.58
C VAL F 72 -23.02 23.13 -1.79
N LEU F 73 -23.77 22.28 -2.47
CA LEU F 73 -23.34 21.68 -3.72
C LEU F 73 -23.87 22.52 -4.87
N ALA F 74 -22.96 23.03 -5.70
CA ALA F 74 -23.30 23.87 -6.84
C ALA F 74 -22.69 23.30 -8.10
N ASP F 75 -23.41 23.43 -9.21
CA ASP F 75 -22.94 22.86 -10.47
C ASP F 75 -22.09 23.89 -11.21
N ALA F 76 -21.08 23.41 -11.93
CA ALA F 76 -20.23 24.29 -12.72
C ALA F 76 -20.71 24.47 -14.15
N ASN F 77 -21.72 23.70 -14.57
CA ASN F 77 -22.18 23.73 -15.96
C ASN F 77 -23.68 23.94 -16.05
N ASN F 78 -24.28 24.68 -15.13
CA ASN F 78 -25.72 24.87 -15.10
C ASN F 78 -26.04 25.91 -14.04
N ASN F 79 -27.21 26.52 -14.19
CA ASN F 79 -27.68 27.49 -13.20
C ASN F 79 -29.13 27.20 -12.88
N GLY F 80 -29.50 27.45 -11.62
CA GLY F 80 -30.84 27.21 -11.16
C GLY F 80 -30.97 25.89 -10.44
N THR F 81 -32.11 25.73 -9.78
CA THR F 81 -32.39 24.56 -8.95
C THR F 81 -33.45 23.64 -9.56
N THR F 82 -33.69 23.76 -10.86
CA THR F 82 -34.70 22.93 -11.50
C THR F 82 -34.19 21.53 -11.84
N THR F 83 -32.87 21.31 -11.79
CA THR F 83 -32.29 20.04 -12.19
C THR F 83 -31.70 19.35 -10.97
N ALA F 84 -31.85 18.02 -10.94
CA ALA F 84 -31.48 17.22 -9.78
C ALA F 84 -30.06 16.68 -9.86
N TYR F 85 -29.47 16.67 -11.05
CA TYR F 85 -28.16 16.06 -11.25
C TYR F 85 -27.13 17.11 -11.65
N LEU F 86 -25.91 16.64 -11.87
CA LEU F 86 -24.86 17.49 -12.41
C LEU F 86 -24.73 17.23 -13.91
N VAL F 87 -24.85 18.28 -14.70
CA VAL F 87 -24.89 18.11 -16.16
C VAL F 87 -23.48 17.81 -16.65
N PRO F 88 -23.27 16.71 -17.37
CA PRO F 88 -21.94 16.46 -17.93
C PRO F 88 -21.54 17.51 -18.95
N LYS F 89 -20.24 17.76 -19.03
CA LYS F 89 -19.73 18.66 -20.05
C LYS F 89 -19.77 18.00 -21.42
N SER F 90 -19.79 18.83 -22.46
CA SER F 90 -19.90 18.33 -23.82
C SER F 90 -18.55 18.33 -24.51
N GLY F 91 -18.44 17.52 -25.55
CA GLY F 91 -17.18 17.38 -26.25
C GLY F 91 -17.30 16.34 -27.34
N ASP F 92 -16.15 15.93 -27.87
CA ASP F 92 -16.15 15.00 -28.99
C ASP F 92 -16.77 13.65 -28.63
N THR F 93 -16.44 13.12 -27.46
CA THR F 93 -16.84 11.78 -27.08
C THR F 93 -17.86 11.76 -25.95
N ALA F 94 -18.40 12.90 -25.55
CA ALA F 94 -19.33 12.93 -24.43
C ALA F 94 -20.58 12.14 -24.76
N ALA F 95 -21.20 11.58 -23.73
CA ALA F 95 -22.41 10.77 -23.89
C ALA F 95 -23.64 11.59 -23.57
N THR F 96 -24.74 11.33 -24.27
CA THR F 96 -25.98 12.05 -24.07
C THR F 96 -26.94 11.24 -23.20
N GLY F 97 -27.88 11.94 -22.58
CA GLY F 97 -28.91 11.30 -21.80
C GLY F 97 -28.50 10.84 -20.43
N VAL F 98 -27.33 11.25 -19.96
CA VAL F 98 -26.74 10.75 -18.73
C VAL F 98 -26.40 11.92 -17.83
N GLY F 99 -26.43 11.67 -16.51
CA GLY F 99 -26.10 12.70 -15.55
C GLY F 99 -25.46 12.06 -14.33
N VAL F 100 -24.96 12.92 -13.44
CA VAL F 100 -24.30 12.47 -12.21
C VAL F 100 -25.17 12.91 -11.05
N PHE F 101 -25.55 11.95 -10.20
CA PHE F 101 -26.35 12.21 -9.02
C PHE F 101 -25.47 12.04 -7.79
N VAL F 102 -25.55 12.98 -6.86
CA VAL F 102 -24.75 12.95 -5.63
C VAL F 102 -25.70 12.74 -4.47
N GLU F 103 -25.20 12.12 -3.40
CA GLU F 103 -26.02 11.77 -2.25
C GLU F 103 -25.17 11.79 -0.98
N THR F 104 -25.83 11.88 0.16
CA THR F 104 -25.14 11.71 1.42
C THR F 104 -24.85 10.23 1.65
N SER F 105 -23.97 9.95 2.61
CA SER F 105 -23.49 8.59 2.80
C SER F 105 -24.61 7.60 3.07
N LYS F 106 -25.74 8.06 3.60
CA LYS F 106 -26.87 7.18 3.87
C LYS F 106 -27.85 7.07 2.72
N GLY F 107 -27.71 7.89 1.68
CA GLY F 107 -28.60 7.86 0.54
C GLY F 107 -29.55 9.03 0.42
N THR F 108 -29.51 9.99 1.34
CA THR F 108 -30.37 11.16 1.24
C THR F 108 -29.86 12.06 0.11
N PRO F 109 -30.69 12.41 -0.87
CA PRO F 109 -30.19 13.18 -2.01
C PRO F 109 -29.62 14.53 -1.58
N VAL F 110 -28.57 14.96 -2.27
CA VAL F 110 -27.96 16.26 -2.05
C VAL F 110 -28.38 17.13 -3.23
N ASN F 111 -29.35 18.01 -3.00
CA ASN F 111 -29.86 18.85 -4.08
C ASN F 111 -28.91 20.00 -4.35
N ILE F 112 -28.93 20.50 -5.59
CA ILE F 112 -28.01 21.54 -6.01
C ILE F 112 -28.50 22.89 -5.49
N GLY F 113 -27.62 23.62 -4.81
CA GLY F 113 -27.92 24.96 -4.36
C GLY F 113 -28.67 25.06 -3.05
N SER F 114 -28.98 23.93 -2.41
CA SER F 114 -29.66 23.92 -1.12
C SER F 114 -28.68 23.51 -0.04
N ASP F 115 -28.48 24.37 0.95
CA ASP F 115 -27.40 24.16 1.91
C ASP F 115 -27.74 23.03 2.88
N GLN F 116 -26.76 22.18 3.15
CA GLN F 116 -26.86 21.13 4.14
C GLN F 116 -26.18 21.57 5.43
N LYS F 117 -26.37 20.77 6.48
CA LYS F 117 -25.78 21.03 7.78
C LYS F 117 -24.86 19.89 8.18
N LEU F 118 -23.67 20.24 8.65
CA LEU F 118 -22.70 19.28 9.15
C LEU F 118 -22.63 19.38 10.67
N ASP F 119 -22.74 18.24 11.35
CA ASP F 119 -22.62 18.24 12.80
C ASP F 119 -21.14 18.28 13.19
N VAL F 120 -20.78 19.24 14.03
CA VAL F 120 -19.39 19.37 14.44
C VAL F 120 -19.08 18.37 15.56
N VAL F 121 -17.90 17.77 15.49
CA VAL F 121 -17.41 16.91 16.55
C VAL F 121 -16.57 17.74 17.49
N ALA F 122 -16.92 17.73 18.77
CA ALA F 122 -16.23 18.53 19.77
C ALA F 122 -15.90 17.66 20.96
N ASN F 123 -14.81 18.01 21.64
CA ASN F 123 -14.40 17.36 22.87
C ASN F 123 -14.37 18.39 23.98
N LYS F 124 -15.36 18.35 24.87
CA LYS F 124 -15.47 19.32 25.96
C LYS F 124 -15.70 20.73 25.42
N GLY F 125 -16.52 20.83 24.37
CA GLY F 125 -16.94 22.10 23.84
C GLY F 125 -16.04 22.69 22.76
N ASN F 126 -14.83 22.16 22.59
CA ASN F 126 -13.89 22.69 21.62
C ASN F 126 -13.78 21.75 20.43
N ALA F 127 -14.11 22.26 19.25
CA ALA F 127 -14.19 21.42 18.07
C ALA F 127 -12.85 20.76 17.78
N LEU F 128 -12.90 19.50 17.36
CA LEU F 128 -11.71 18.81 16.89
C LEU F 128 -11.28 19.39 15.54
N SER F 129 -9.97 19.39 15.30
CA SER F 129 -9.47 20.08 14.11
C SER F 129 -9.99 19.43 12.84
N GLU F 130 -9.92 18.11 12.73
CA GLU F 130 -10.17 17.42 11.48
C GLU F 130 -11.61 16.96 11.43
N GLN F 131 -12.35 17.43 10.43
CA GLN F 131 -13.76 17.09 10.27
C GLN F 131 -14.01 16.71 8.82
N VAL F 132 -14.97 15.82 8.60
CA VAL F 132 -15.12 15.13 7.33
C VAL F 132 -16.55 15.32 6.83
N ILE F 133 -16.69 15.45 5.52
CA ILE F 133 -17.99 15.52 4.86
C ILE F 133 -18.13 14.28 3.98
N PRO F 134 -18.93 13.29 4.38
CA PRO F 134 -19.03 12.07 3.56
C PRO F 134 -20.15 12.16 2.54
N LEU F 135 -19.90 11.70 1.31
CA LEU F 135 -20.86 11.83 0.23
C LEU F 135 -20.83 10.56 -0.61
N ARG F 136 -21.64 10.56 -1.67
CA ARG F 136 -21.75 9.41 -2.56
C ARG F 136 -22.39 9.85 -3.87
N ALA F 137 -21.90 9.29 -4.98
CA ALA F 137 -22.35 9.73 -6.29
C ALA F 137 -22.35 8.57 -7.26
N TYR F 138 -23.30 8.57 -8.20
CA TYR F 138 -23.40 7.54 -9.21
C TYR F 138 -23.90 8.14 -10.52
N ILE F 139 -23.55 7.49 -11.62
CA ILE F 139 -23.99 7.91 -12.95
C ILE F 139 -25.31 7.22 -13.26
N GLY F 140 -26.30 7.98 -13.71
CA GLY F 140 -27.59 7.41 -14.02
C GLY F 140 -28.28 8.16 -15.13
N THR F 141 -29.32 7.53 -15.67
CA THR F 141 -30.11 8.14 -16.72
C THR F 141 -30.82 9.38 -16.19
N GLN F 142 -31.03 10.36 -17.07
CA GLN F 142 -31.67 11.61 -16.65
C GLN F 142 -33.12 11.40 -16.25
N THR F 143 -33.83 10.52 -16.95
CA THR F 143 -35.23 10.24 -16.63
C THR F 143 -35.39 9.40 -15.37
N ARG F 144 -34.30 8.93 -14.78
CA ARG F 144 -34.36 8.10 -13.57
C ARG F 144 -35.18 6.84 -13.80
N ALA F 145 -34.91 6.16 -14.91
CA ALA F 145 -35.52 4.87 -15.20
C ALA F 145 -34.67 4.18 -16.25
N ALA F 146 -34.87 2.87 -16.38
CA ALA F 146 -34.11 2.10 -17.34
C ALA F 146 -34.27 2.69 -18.74
N GLY F 147 -33.23 2.55 -19.55
CA GLY F 147 -33.28 3.04 -20.91
C GLY F 147 -32.13 2.54 -21.76
N ALA F 148 -32.45 1.97 -22.91
CA ALA F 148 -31.44 1.34 -23.75
C ALA F 148 -30.60 2.39 -24.48
N ILE F 149 -29.48 1.93 -25.03
CA ILE F 149 -28.64 2.80 -25.85
C ILE F 149 -29.29 2.96 -27.22
N GLY F 150 -29.37 4.21 -27.68
CA GLY F 150 -29.97 4.51 -28.96
C GLY F 150 -31.21 5.38 -28.83
N THR F 151 -32.21 4.88 -28.13
CA THR F 151 -33.47 5.61 -27.92
C THR F 151 -33.34 6.93 -27.15
N ASP F 152 -32.53 6.94 -26.09
CA ASP F 152 -32.37 8.16 -25.30
C ASP F 152 -30.95 8.38 -24.80
N VAL F 153 -30.20 7.29 -24.66
CA VAL F 153 -28.83 7.39 -24.18
C VAL F 153 -27.89 7.03 -25.32
N THR F 154 -26.67 7.57 -25.25
CA THR F 154 -25.65 7.34 -26.27
C THR F 154 -24.32 7.08 -25.59
N ALA F 155 -23.56 6.15 -26.14
CA ALA F 155 -22.31 5.73 -25.51
C ALA F 155 -21.25 6.83 -25.62
N GLY F 156 -20.38 6.86 -24.62
CA GLY F 156 -19.32 7.85 -24.58
C GLY F 156 -18.83 8.01 -23.16
N THR F 157 -17.99 9.03 -22.98
CA THR F 157 -17.48 9.35 -21.65
C THR F 157 -18.38 10.35 -20.95
N VAL F 158 -18.36 10.32 -19.63
CA VAL F 158 -19.17 11.21 -18.79
C VAL F 158 -18.18 11.99 -17.93
N ASP F 159 -18.19 13.31 -18.09
CA ASP F 159 -17.34 14.19 -17.29
C ASP F 159 -18.20 15.35 -16.79
N ALA F 160 -18.29 15.47 -15.47
CA ALA F 160 -19.08 16.51 -14.82
C ALA F 160 -18.25 17.13 -13.73
N THR F 161 -18.63 18.33 -13.30
CA THR F 161 -17.89 19.07 -12.28
C THR F 161 -18.87 19.72 -11.33
N GLY F 162 -18.71 19.43 -10.04
CA GLY F 162 -19.42 20.14 -9.00
C GLY F 162 -18.46 21.03 -8.24
N VAL F 163 -19.00 21.81 -7.31
CA VAL F 163 -18.22 22.73 -6.51
C VAL F 163 -18.90 22.88 -5.16
N LEU F 164 -18.19 22.56 -4.08
CA LEU F 164 -18.71 22.66 -2.73
C LEU F 164 -18.27 23.97 -2.09
N THR F 165 -19.22 24.73 -1.57
CA THR F 165 -18.93 25.92 -0.80
C THR F 165 -19.19 25.63 0.66
N ILE F 166 -18.16 25.82 1.50
CA ILE F 166 -18.20 25.43 2.90
C ILE F 166 -18.04 26.68 3.75
N ARG F 167 -18.90 26.82 4.74
CA ARG F 167 -18.98 28.04 5.56
C ARG F 167 -18.96 27.64 7.04
N ALA F 168 -17.78 27.59 7.63
CA ALA F 168 -17.63 27.33 9.06
C ALA F 168 -17.53 28.66 9.78
N ALA F 169 -18.42 28.90 10.74
CA ALA F 169 -18.45 30.14 11.48
C ALA F 169 -18.97 29.88 12.88
N ASP F 170 -18.73 30.84 13.75
CA ASP F 170 -19.12 30.78 15.16
C ASP F 170 -20.48 31.44 15.32
N ALA F 171 -21.43 30.71 15.87
CA ALA F 171 -22.78 31.26 16.04
C ALA F 171 -22.77 32.47 16.98
N THR F 172 -22.07 32.35 18.11
CA THR F 172 -22.02 33.45 19.06
C THR F 172 -21.00 33.15 20.16
N ALA G 1 -9.03 24.61 -62.22
CA ALA G 1 -9.72 25.44 -61.19
C ALA G 1 -8.89 25.48 -59.92
N PRO G 2 -9.12 26.48 -59.07
CA PRO G 2 -8.38 26.55 -57.81
C PRO G 2 -8.64 25.33 -56.95
N ALA G 3 -7.59 24.88 -56.25
CA ALA G 3 -7.69 23.69 -55.41
C ALA G 3 -8.61 23.95 -54.23
N ALA G 4 -9.32 22.91 -53.81
CA ALA G 4 -10.28 23.01 -52.72
C ALA G 4 -9.56 23.06 -51.38
N ASN G 5 -10.16 23.79 -50.44
CA ASN G 5 -9.60 23.99 -49.10
C ASN G 5 -10.12 22.96 -48.11
N ASP G 6 -9.98 21.68 -48.45
CA ASP G 6 -10.54 20.59 -47.66
C ASP G 6 -9.49 19.79 -46.92
N SER G 7 -8.38 20.40 -46.54
CA SER G 7 -7.33 19.70 -45.82
C SER G 7 -7.59 19.70 -44.32
N SER G 8 -7.18 18.61 -43.67
CA SER G 8 -7.27 18.48 -42.22
C SER G 8 -5.89 18.65 -41.61
N GLN G 9 -5.79 19.51 -40.61
CA GLN G 9 -4.50 19.98 -40.12
C GLN G 9 -4.37 19.66 -38.63
N ALA G 10 -3.13 19.51 -38.19
CA ALA G 10 -2.78 19.51 -36.77
C ALA G 10 -1.46 20.24 -36.60
N THR G 11 -1.48 21.30 -35.78
CA THR G 11 -0.35 22.21 -35.65
C THR G 11 0.44 21.84 -34.42
N LEU G 12 1.74 21.59 -34.60
CA LEU G 12 2.62 21.15 -33.53
C LEU G 12 3.61 22.27 -33.25
N ASN G 13 3.51 22.86 -32.07
CA ASN G 13 4.41 23.93 -31.65
C ASN G 13 5.44 23.34 -30.69
N PHE G 14 6.67 23.16 -31.17
CA PHE G 14 7.75 22.67 -30.33
C PHE G 14 8.44 23.85 -29.65
N SER G 15 9.07 23.59 -28.51
CA SER G 15 9.80 24.62 -27.79
C SER G 15 10.88 23.97 -26.95
N GLY G 16 11.85 24.78 -26.56
CA GLY G 16 13.00 24.25 -25.84
C GLY G 16 14.00 25.36 -25.56
N ARG G 17 15.20 24.96 -25.17
CA ARG G 17 16.27 25.90 -24.87
C ARG G 17 17.61 25.28 -25.14
N VAL G 18 18.61 26.14 -25.32
CA VAL G 18 20.02 25.74 -25.31
C VAL G 18 20.70 26.57 -24.24
N THR G 19 21.40 25.90 -23.32
CA THR G 19 21.94 26.55 -22.14
C THR G 19 23.42 26.22 -22.01
N SER G 20 24.10 26.95 -21.14
CA SER G 20 25.51 26.73 -20.86
C SER G 20 25.74 25.96 -19.56
N SER G 21 24.68 25.61 -18.84
CA SER G 21 24.81 24.81 -17.65
C SER G 21 25.18 23.37 -18.00
N LEU G 22 25.67 22.65 -17.01
CA LEU G 22 26.03 21.24 -17.17
C LEU G 22 24.93 20.30 -16.72
N CYS G 23 23.84 20.81 -16.16
CA CYS G 23 22.75 19.99 -15.65
C CYS G 23 21.44 20.45 -16.26
N GLN G 24 20.65 19.51 -16.75
CA GLN G 24 19.30 19.82 -17.19
C GLN G 24 18.41 20.11 -16.00
N VAL G 25 17.31 20.81 -16.25
CA VAL G 25 16.19 20.80 -15.33
C VAL G 25 15.13 19.86 -15.88
N LYS G 26 14.63 18.97 -15.04
CA LYS G 26 13.77 17.90 -15.52
C LYS G 26 12.59 18.48 -16.30
N THR G 27 12.31 17.87 -17.45
CA THR G 27 11.32 18.43 -18.36
C THR G 27 9.97 18.62 -17.68
N ASP G 28 9.68 17.81 -16.68
CA ASP G 28 8.44 17.94 -15.92
C ASP G 28 8.53 19.00 -14.84
N ASP G 29 9.68 19.63 -14.65
CA ASP G 29 9.87 20.62 -13.61
C ASP G 29 10.20 22.01 -14.15
N LEU G 30 10.11 22.21 -15.47
CA LEU G 30 10.39 23.52 -16.03
C LEU G 30 9.25 24.49 -15.78
N VAL G 31 8.05 23.98 -15.52
CA VAL G 31 6.93 24.83 -15.14
C VAL G 31 6.18 24.15 -14.01
N LYS G 32 6.44 24.58 -12.77
CA LYS G 32 5.77 24.00 -11.61
C LYS G 32 4.44 24.71 -11.38
N ASN G 33 3.51 23.97 -10.76
CA ASN G 33 2.27 24.54 -10.26
C ASN G 33 2.12 24.11 -8.80
N ILE G 34 2.71 24.88 -7.90
CA ILE G 34 2.71 24.55 -6.47
C ILE G 34 1.46 25.17 -5.85
N SER G 35 0.62 24.32 -5.27
CA SER G 35 -0.68 24.77 -4.76
C SER G 35 -0.61 24.91 -3.25
N LEU G 36 -0.48 26.15 -2.79
CA LEU G 36 -0.53 26.41 -1.36
C LEU G 36 -1.98 26.31 -0.88
N GLY G 37 -2.16 26.39 0.42
CA GLY G 37 -3.44 26.09 1.03
C GLY G 37 -4.44 27.22 0.95
N GLU G 38 -5.14 27.44 2.06
CA GLU G 38 -6.03 28.58 2.24
C GLU G 38 -5.66 29.25 3.56
N VAL G 39 -5.48 30.56 3.52
CA VAL G 39 -5.23 31.32 4.74
C VAL G 39 -6.60 31.61 5.35
N SER G 40 -7.10 30.69 6.16
CA SER G 40 -8.42 30.87 6.72
C SER G 40 -8.42 31.98 7.77
N LYS G 41 -9.62 32.37 8.18
CA LYS G 41 -9.75 33.49 9.10
C LYS G 41 -9.05 33.20 10.43
N SER G 42 -9.25 31.99 10.97
CA SER G 42 -8.67 31.66 12.27
C SER G 42 -7.15 31.72 12.23
N ALA G 43 -6.54 31.05 11.26
CA ALA G 43 -5.09 31.10 11.14
C ALA G 43 -4.60 32.51 10.84
N LEU G 44 -5.34 33.25 10.03
CA LEU G 44 -4.93 34.62 9.69
C LEU G 44 -4.87 35.49 10.93
N GLU G 45 -5.89 35.42 11.78
CA GLU G 45 -5.92 36.24 12.99
C GLU G 45 -5.07 35.67 14.12
N ALA G 46 -4.66 34.40 14.04
CA ALA G 46 -3.88 33.81 15.13
C ALA G 46 -2.39 34.00 14.91
N THR G 47 -1.89 33.60 13.74
CA THR G 47 -0.45 33.63 13.48
C THR G 47 -0.08 34.41 12.22
N GLY G 48 -1.03 34.70 11.34
CA GLY G 48 -0.70 35.36 10.09
C GLY G 48 0.13 34.52 9.16
N LYS G 49 -0.21 33.24 8.99
CA LYS G 49 0.51 32.33 8.11
C LYS G 49 -0.38 31.15 7.76
N SER G 50 -0.01 30.46 6.70
CA SER G 50 -0.59 29.15 6.41
C SER G 50 0.48 28.09 6.57
N PRO G 51 0.08 26.83 6.79
CA PRO G 51 1.08 25.77 6.90
C PRO G 51 1.90 25.65 5.63
N ALA G 52 3.20 25.44 5.81
CA ALA G 52 4.14 25.42 4.70
C ALA G 52 4.02 24.12 3.91
N GLN G 53 4.09 24.21 2.59
CA GLN G 53 4.03 23.05 1.72
C GLN G 53 5.39 22.80 1.09
N SER G 54 5.83 21.55 1.11
CA SER G 54 7.13 21.21 0.56
C SER G 54 7.03 20.90 -0.94
N PHE G 55 8.11 21.21 -1.65
CA PHE G 55 8.21 20.91 -3.07
C PHE G 55 9.69 20.81 -3.42
N GLN G 56 9.98 20.37 -4.65
CA GLN G 56 11.34 20.18 -5.11
C GLN G 56 11.45 20.59 -6.58
N VAL G 57 12.67 20.95 -6.96
CA VAL G 57 13.04 21.12 -8.35
C VAL G 57 14.15 20.13 -8.65
N ASN G 58 13.93 19.26 -9.65
CA ASN G 58 14.81 18.13 -9.90
C ASN G 58 15.71 18.44 -11.10
N LEU G 59 17.01 18.34 -10.88
CA LEU G 59 17.99 18.31 -11.96
C LEU G 59 18.14 16.87 -12.42
N ILE G 60 18.68 16.69 -13.63
CA ILE G 60 18.79 15.37 -14.22
C ILE G 60 19.85 15.41 -15.31
N ASN G 61 20.51 14.27 -15.50
CA ASN G 61 21.58 14.14 -16.48
C ASN G 61 22.72 15.11 -16.21
N CYS G 62 23.09 15.27 -14.94
CA CYS G 62 24.23 16.13 -14.60
C CYS G 62 25.52 15.51 -15.12
N ASP G 63 26.49 16.39 -15.39
CA ASP G 63 27.78 15.93 -15.90
C ASP G 63 28.60 15.32 -14.78
N SER G 64 29.41 14.32 -15.14
CA SER G 64 30.23 13.63 -14.15
C SER G 64 31.16 14.59 -13.43
N LEU G 65 31.66 15.60 -14.14
CA LEU G 65 32.65 16.51 -13.59
C LEU G 65 32.06 17.74 -12.92
N THR G 66 30.74 17.78 -12.73
CA THR G 66 30.12 18.89 -12.03
C THR G 66 30.73 19.01 -10.64
N ASP G 67 31.11 20.22 -10.25
CA ASP G 67 31.73 20.47 -8.95
C ASP G 67 30.91 21.42 -8.09
N ASP G 68 30.40 22.51 -8.66
CA ASP G 68 29.68 23.51 -7.91
C ASP G 68 28.32 23.73 -8.57
N ILE G 69 27.28 23.81 -7.73
CA ILE G 69 25.93 24.10 -8.19
C ILE G 69 25.34 25.14 -7.26
N SER G 70 24.78 26.20 -7.83
CA SER G 70 24.16 27.26 -7.06
C SER G 70 22.91 27.74 -7.80
N TYR G 71 21.93 28.20 -7.04
CA TYR G 71 20.67 28.65 -7.63
C TYR G 71 20.23 29.96 -6.98
N VAL G 72 19.44 30.72 -7.72
CA VAL G 72 18.95 32.03 -7.28
C VAL G 72 17.45 32.08 -7.50
N LEU G 73 16.72 32.51 -6.47
CA LEU G 73 15.28 32.71 -6.58
C LEU G 73 15.01 34.19 -6.83
N ALA G 74 14.71 34.53 -8.07
CA ALA G 74 14.42 35.90 -8.46
C ALA G 74 12.92 36.04 -8.70
N ASP G 75 12.35 37.10 -8.15
CA ASP G 75 10.93 37.37 -8.32
C ASP G 75 10.65 37.82 -9.75
N ALA G 76 9.55 37.34 -10.32
CA ALA G 76 9.16 37.71 -11.67
C ALA G 76 8.15 38.85 -11.71
N ASN G 77 7.82 39.45 -10.57
CA ASN G 77 6.89 40.57 -10.53
C ASN G 77 7.40 41.72 -9.67
N ASN G 78 8.71 41.88 -9.56
CA ASN G 78 9.28 42.94 -8.74
C ASN G 78 10.77 43.03 -9.04
N ASN G 79 11.37 44.13 -8.62
CA ASN G 79 12.80 44.33 -8.77
C ASN G 79 13.35 44.95 -7.49
N GLY G 80 14.57 44.54 -7.14
CA GLY G 80 15.19 44.98 -5.92
C GLY G 80 15.11 43.94 -4.83
N THR G 81 16.02 44.07 -3.87
CA THR G 81 16.15 43.14 -2.75
C THR G 81 15.51 43.67 -1.47
N THR G 82 14.58 44.61 -1.58
CA THR G 82 13.99 45.23 -0.41
C THR G 82 12.87 44.39 0.21
N THR G 83 12.32 43.44 -0.53
CA THR G 83 11.17 42.66 -0.07
C THR G 83 11.58 41.22 0.18
N ALA G 84 11.08 40.66 1.29
CA ALA G 84 11.37 39.29 1.67
C ALA G 84 10.46 38.28 0.99
N TYR G 85 9.38 38.73 0.38
CA TYR G 85 8.37 37.85 -0.18
C TYR G 85 8.25 38.03 -1.68
N LEU G 86 7.36 37.23 -2.28
CA LEU G 86 7.03 37.36 -3.68
C LEU G 86 5.68 38.05 -3.82
N VAL G 87 5.65 39.13 -4.58
CA VAL G 87 4.44 39.96 -4.66
C VAL G 87 3.45 39.27 -5.61
N PRO G 88 2.22 39.01 -5.19
CA PRO G 88 1.26 38.37 -6.09
C PRO G 88 0.81 39.28 -7.21
N LYS G 89 0.37 38.67 -8.31
CA LYS G 89 -0.17 39.41 -9.42
C LYS G 89 -1.54 40.00 -9.06
N SER G 90 -1.84 41.14 -9.66
CA SER G 90 -3.12 41.81 -9.44
C SER G 90 -4.14 41.35 -10.47
N GLY G 91 -5.41 41.58 -10.16
CA GLY G 91 -6.46 41.10 -11.02
C GLY G 91 -7.82 41.42 -10.42
N ASP G 92 -8.84 40.80 -11.01
CA ASP G 92 -10.21 41.04 -10.56
C ASP G 92 -10.41 40.58 -9.13
N THR G 93 -9.91 39.39 -8.78
CA THR G 93 -10.16 38.79 -7.48
C THR G 93 -8.91 38.76 -6.59
N ALA G 94 -7.82 39.38 -7.02
CA ALA G 94 -6.59 39.30 -6.25
C ALA G 94 -6.79 39.81 -4.83
N ALA G 95 -6.19 39.11 -3.87
CA ALA G 95 -6.26 39.51 -2.48
C ALA G 95 -5.06 40.37 -2.12
N THR G 96 -5.31 41.47 -1.43
CA THR G 96 -4.26 42.39 -1.05
C THR G 96 -3.90 42.23 0.43
N GLY G 97 -2.62 42.39 0.72
CA GLY G 97 -2.12 42.30 2.08
C GLY G 97 -1.36 41.04 2.41
N VAL G 98 -1.07 40.19 1.43
CA VAL G 98 -0.39 38.93 1.65
C VAL G 98 0.76 38.80 0.66
N GLY G 99 1.68 37.89 0.97
CA GLY G 99 2.77 37.57 0.07
C GLY G 99 3.20 36.14 0.30
N VAL G 100 3.91 35.60 -0.68
CA VAL G 100 4.34 34.20 -0.67
C VAL G 100 5.81 34.15 -0.25
N PHE G 101 6.09 33.53 0.89
CA PHE G 101 7.44 33.37 1.40
C PHE G 101 7.98 32.00 1.04
N VAL G 102 9.26 31.94 0.70
CA VAL G 102 9.93 30.69 0.37
C VAL G 102 11.04 30.45 1.37
N GLU G 103 11.25 29.19 1.73
CA GLU G 103 12.24 28.81 2.72
C GLU G 103 12.91 27.51 2.32
N THR G 104 14.08 27.26 2.87
CA THR G 104 14.72 25.97 2.68
C THR G 104 14.06 24.93 3.57
N SER G 105 14.22 23.65 3.21
CA SER G 105 13.45 22.60 3.84
C SER G 105 13.65 22.53 5.34
N LYS G 106 14.73 23.12 5.86
CA LYS G 106 14.95 23.15 7.31
C LYS G 106 14.42 24.43 7.96
N GLY G 107 13.78 25.31 7.21
CA GLY G 107 13.23 26.53 7.76
C GLY G 107 14.08 27.77 7.56
N THR G 108 15.26 27.65 6.97
CA THR G 108 16.11 28.82 6.74
C THR G 108 15.54 29.64 5.58
N PRO G 109 15.27 30.93 5.77
CA PRO G 109 14.63 31.71 4.71
C PRO G 109 15.46 31.77 3.44
N VAL G 110 14.77 31.86 2.32
CA VAL G 110 15.41 32.04 1.01
C VAL G 110 15.12 33.48 0.58
N ASN G 111 16.16 34.30 0.52
CA ASN G 111 16.00 35.70 0.17
C ASN G 111 16.00 35.86 -1.35
N ILE G 112 15.26 36.86 -1.83
CA ILE G 112 15.11 37.05 -3.27
C ILE G 112 16.36 37.69 -3.83
N GLY G 113 16.93 37.07 -4.86
CA GLY G 113 18.10 37.60 -5.53
C GLY G 113 19.42 37.28 -4.86
N SER G 114 19.41 36.52 -3.77
CA SER G 114 20.63 36.12 -3.07
C SER G 114 20.89 34.66 -3.35
N ASP G 115 22.08 34.35 -3.88
CA ASP G 115 22.35 33.00 -4.34
C ASP G 115 22.68 32.07 -3.18
N GLN G 116 22.13 30.86 -3.23
CA GLN G 116 22.46 29.79 -2.31
C GLN G 116 23.42 28.82 -2.99
N LYS G 117 24.01 27.94 -2.18
CA LYS G 117 24.90 26.89 -2.69
C LYS G 117 24.26 25.54 -2.47
N LEU G 118 24.43 24.65 -3.44
CA LEU G 118 23.94 23.29 -3.37
C LEU G 118 25.11 22.32 -3.34
N ASP G 119 24.99 21.27 -2.53
CA ASP G 119 26.05 20.29 -2.40
C ASP G 119 25.84 19.15 -3.38
N VAL G 120 26.83 18.90 -4.23
CA VAL G 120 26.71 17.83 -5.22
C VAL G 120 26.82 16.48 -4.53
N VAL G 121 26.06 15.51 -5.03
CA VAL G 121 26.17 14.14 -4.57
C VAL G 121 27.16 13.41 -5.47
N ALA G 122 28.25 12.93 -4.87
CA ALA G 122 29.32 12.31 -5.62
C ALA G 122 29.56 10.91 -5.09
N ASN G 123 29.89 10.00 -6.00
CA ASN G 123 30.26 8.64 -5.66
C ASN G 123 31.53 8.29 -6.42
N LYS G 124 32.65 8.23 -5.71
CA LYS G 124 33.95 7.92 -6.31
C LYS G 124 34.37 9.00 -7.31
N GLY G 125 34.08 10.26 -6.96
CA GLY G 125 34.50 11.39 -7.74
C GLY G 125 33.59 11.77 -8.90
N ASN G 126 32.52 11.02 -9.14
CA ASN G 126 31.60 11.30 -10.22
C ASN G 126 30.25 11.73 -9.66
N ALA G 127 29.73 12.84 -10.16
CA ALA G 127 28.45 13.33 -9.68
C ALA G 127 27.33 12.47 -10.22
N LEU G 128 26.34 12.19 -9.36
CA LEU G 128 25.19 11.42 -9.77
C LEU G 128 24.31 12.23 -10.73
N SER G 129 23.60 11.51 -11.60
CA SER G 129 22.86 12.20 -12.66
C SER G 129 21.73 13.03 -12.09
N GLU G 130 21.06 12.54 -11.05
CA GLU G 130 19.88 13.21 -10.50
C GLU G 130 20.23 13.89 -9.18
N GLN G 131 19.94 15.19 -9.10
CA GLN G 131 20.17 15.97 -7.89
C GLN G 131 18.97 16.86 -7.64
N VAL G 132 18.71 17.15 -6.37
CA VAL G 132 17.43 17.68 -5.92
C VAL G 132 17.66 18.92 -5.08
N ILE G 133 16.85 19.94 -5.32
CA ILE G 133 16.82 21.16 -4.51
C ILE G 133 15.52 21.16 -3.71
N PRO G 134 15.57 20.96 -2.39
CA PRO G 134 14.33 20.94 -1.61
C PRO G 134 13.96 22.31 -1.05
N LEU G 135 12.67 22.63 -1.00
CA LEU G 135 12.23 23.97 -0.64
C LEU G 135 10.89 23.91 0.06
N ARG G 136 10.43 25.08 0.52
CA ARG G 136 9.16 25.25 1.20
C ARG G 136 8.50 26.53 0.70
N ALA G 137 7.23 26.72 1.05
CA ALA G 137 6.57 27.96 0.70
C ALA G 137 5.26 28.07 1.47
N TYR G 138 4.88 29.30 1.80
CA TYR G 138 3.61 29.54 2.47
C TYR G 138 3.16 30.97 2.25
N ILE G 139 1.87 31.20 2.45
CA ILE G 139 1.25 32.52 2.32
C ILE G 139 1.20 33.15 3.70
N GLY G 140 1.68 34.38 3.82
CA GLY G 140 1.67 35.07 5.09
C GLY G 140 1.45 36.56 4.88
N THR G 141 1.03 37.21 5.96
CA THR G 141 0.80 38.64 5.91
C THR G 141 2.10 39.38 5.66
N GLN G 142 2.02 40.50 4.95
CA GLN G 142 3.23 41.23 4.58
C GLN G 142 3.99 41.74 5.80
N THR G 143 3.30 41.92 6.92
CA THR G 143 3.92 42.48 8.11
C THR G 143 4.50 41.42 9.04
N ARG G 144 4.39 40.14 8.69
CA ARG G 144 4.93 39.06 9.50
C ARG G 144 4.35 39.08 10.91
N ALA G 145 3.05 39.34 11.01
CA ALA G 145 2.34 39.32 12.28
C ALA G 145 0.85 39.17 11.99
N ALA G 146 0.11 38.79 13.01
CA ALA G 146 -1.33 38.57 12.89
C ALA G 146 -2.07 39.74 12.25
N GLY G 147 -3.03 39.42 11.39
CA GLY G 147 -3.82 40.44 10.72
C GLY G 147 -5.29 40.09 10.77
N ALA G 148 -6.14 41.10 10.64
CA ALA G 148 -7.58 40.90 10.65
C ALA G 148 -8.10 41.28 9.28
N ILE G 149 -9.03 40.49 8.75
CA ILE G 149 -9.53 40.80 7.41
C ILE G 149 -10.23 42.16 7.36
N GLY G 150 -9.80 42.95 6.38
CA GLY G 150 -10.31 44.27 6.09
C GLY G 150 -9.53 45.41 6.71
N THR G 151 -8.83 45.16 7.81
CA THR G 151 -8.03 46.23 8.37
C THR G 151 -6.80 46.48 7.51
N ASP G 152 -6.12 45.39 7.17
CA ASP G 152 -4.93 45.43 6.32
C ASP G 152 -4.97 44.38 5.22
N VAL G 153 -5.61 43.26 5.51
CA VAL G 153 -5.69 42.14 4.57
C VAL G 153 -7.08 42.10 3.97
N THR G 154 -7.20 41.51 2.78
CA THR G 154 -8.46 41.41 2.08
C THR G 154 -8.59 40.02 1.47
N ALA G 155 -9.81 39.50 1.47
CA ALA G 155 -10.04 38.16 0.98
C ALA G 155 -9.96 38.10 -0.54
N GLY G 156 -9.57 36.95 -1.05
CA GLY G 156 -9.49 36.74 -2.48
C GLY G 156 -8.45 35.68 -2.81
N THR G 157 -8.08 35.67 -4.08
CA THR G 157 -7.11 34.72 -4.60
C THR G 157 -5.69 35.28 -4.46
N VAL G 158 -4.72 34.37 -4.43
CA VAL G 158 -3.30 34.72 -4.38
C VAL G 158 -2.62 33.96 -5.50
N ASP G 159 -2.01 34.67 -6.45
CA ASP G 159 -1.21 34.08 -7.50
C ASP G 159 0.13 34.79 -7.56
N ALA G 160 1.19 34.05 -7.28
CA ALA G 160 2.54 34.60 -7.28
C ALA G 160 3.44 33.63 -8.04
N THR G 161 4.43 34.18 -8.73
CA THR G 161 5.35 33.40 -9.55
C THR G 161 6.78 33.83 -9.27
N GLY G 162 7.64 32.85 -9.03
CA GLY G 162 9.06 33.10 -8.91
C GLY G 162 9.82 32.29 -9.93
N VAL G 163 11.09 32.63 -10.11
CA VAL G 163 11.94 31.98 -11.10
C VAL G 163 13.24 31.56 -10.43
N LEU G 164 13.61 30.29 -10.59
CA LEU G 164 14.88 29.78 -10.08
C LEU G 164 15.89 29.74 -11.21
N THR G 165 17.01 30.43 -11.01
CA THR G 165 18.11 30.39 -11.96
C THR G 165 19.21 29.50 -11.40
N ILE G 166 19.57 28.46 -12.15
CA ILE G 166 20.47 27.41 -11.68
C ILE G 166 21.73 27.46 -12.52
N ARG G 167 22.89 27.31 -11.88
CA ARG G 167 24.18 27.45 -12.53
C ARG G 167 25.09 26.32 -12.05
N ALA G 168 25.15 25.23 -12.82
CA ALA G 168 26.03 24.12 -12.51
C ALA G 168 27.24 24.16 -13.43
N ALA G 169 28.43 24.19 -12.83
CA ALA G 169 29.67 24.31 -13.58
C ALA G 169 30.76 23.54 -12.85
N ASP G 170 31.93 23.49 -13.48
CA ASP G 170 33.10 22.79 -12.95
C ASP G 170 34.07 23.85 -12.41
N ALA G 171 34.52 23.66 -11.17
CA ALA G 171 35.27 24.72 -10.49
C ALA G 171 36.61 24.97 -11.16
N THR G 172 37.39 23.92 -11.41
CA THR G 172 38.70 24.08 -12.00
C THR G 172 39.10 22.84 -12.78
#